data_5MDH
#
_entry.id   5MDH
#
_cell.length_a   85.700
_cell.length_b   144.432
_cell.length_c   59.226
_cell.angle_alpha   90.00
_cell.angle_beta   90.00
_cell.angle_gamma   90.00
#
_symmetry.space_group_name_H-M   'P 21 21 2'
#
loop_
_entity.id
_entity.type
_entity.pdbx_description
1 polymer 'MALATE DEHYDROGENASE'
2 non-polymer NICOTINAMIDE-ADENINE-DINUCLEOTIDE
3 non-polymer 'ALPHA-KETOMALONIC ACID'
4 water water
#
_entity_poly.entity_id   1
_entity_poly.type   'polypeptide(L)'
_entity_poly.pdbx_seq_one_letter_code
;SEPIRVLVTGAAGQIAYSLLYSIGNGSVFGKDQPIILVLLDITPMMGVLDGVLMELQDCALPLLKDVIATDKEEIAFKDL
DVAILVGSMPRRDGMERKDLLKANVKIFKCQGAALDKYAKKSVKVIVVGNPANTNCLTASKSAPSIPKENFSCLTRLDHN
RAKAQIALKLGVTSDDVKNVIIWGNHSSTQYPDVNHAKVKLQAKEVGVYEAVKDDSWLKGEFITTVQQRGAAVIKARKLS
SAMSAAKAICDHVRDIWFGTPEGEFVSMGIISDGNSYGVPDDLLYSFPVTIKDKTWKIVEGLPINDFSREKMDLTAKELA
EEKETAFEFLSSA
;
_entity_poly.pdbx_strand_id   A,B
#
loop_
_chem_comp.id
_chem_comp.type
_chem_comp.name
_chem_comp.formula
MAK non-polymer 'ALPHA-KETOMALONIC ACID' 'C3 H2 O5'
NAD non-polymer NICOTINAMIDE-ADENINE-DINUCLEOTIDE 'C21 H27 N7 O14 P2'
#
# COMPACT_ATOMS: atom_id res chain seq x y z
N SER A 1 -3.38 -25.33 -6.36
CA SER A 1 -2.82 -25.76 -5.06
C SER A 1 -3.83 -25.51 -3.96
N GLU A 2 -3.77 -26.32 -2.89
CA GLU A 2 -4.75 -26.10 -1.81
C GLU A 2 -4.40 -24.79 -1.11
N PRO A 3 -5.40 -24.13 -0.56
CA PRO A 3 -5.20 -22.84 0.07
C PRO A 3 -4.32 -22.95 1.31
N ILE A 4 -3.52 -21.92 1.55
CA ILE A 4 -2.72 -21.84 2.75
C ILE A 4 -3.38 -20.84 3.72
N ARG A 5 -3.26 -21.16 4.99
CA ARG A 5 -3.90 -20.35 6.04
C ARG A 5 -2.86 -19.47 6.72
N VAL A 6 -3.13 -18.18 6.45
CA VAL A 6 -2.28 -17.06 6.85
C VAL A 6 -3.03 -16.11 7.75
N LEU A 7 -2.52 -15.93 8.95
CA LEU A 7 -3.07 -15.06 9.97
C LEU A 7 -2.19 -13.81 10.07
N VAL A 8 -2.87 -12.67 10.25
CA VAL A 8 -2.23 -11.38 10.48
C VAL A 8 -2.89 -10.79 11.74
N THR A 9 -2.14 -10.58 12.81
CA THR A 9 -2.69 -10.08 14.07
C THR A 9 -2.63 -8.56 14.03
N GLY A 10 -3.33 -7.87 14.87
CA GLY A 10 -3.52 -6.42 14.96
C GLY A 10 -4.04 -5.96 13.60
N ALA A 11 -4.96 -6.73 13.03
CA ALA A 11 -5.42 -6.54 11.66
C ALA A 11 -6.17 -5.25 11.39
N ALA A 12 -6.59 -4.55 12.43
CA ALA A 12 -7.29 -3.28 12.31
C ALA A 12 -6.32 -2.10 12.38
N GLY A 13 -5.02 -2.36 12.51
CA GLY A 13 -4.03 -1.31 12.65
C GLY A 13 -3.35 -0.95 11.35
N GLN A 14 -2.46 0.02 11.41
CA GLN A 14 -1.72 0.58 10.30
C GLN A 14 -0.90 -0.35 9.43
N ILE A 15 0.01 -1.13 10.00
CA ILE A 15 0.87 -2.08 9.30
C ILE A 15 0.01 -3.04 8.50
N ALA A 16 -0.95 -3.72 9.13
CA ALA A 16 -1.89 -4.59 8.44
C ALA A 16 -2.60 -3.81 7.33
N TYR A 17 -3.10 -2.61 7.59
CA TYR A 17 -3.72 -1.83 6.52
C TYR A 17 -2.82 -1.65 5.29
N SER A 18 -1.51 -1.62 5.49
CA SER A 18 -0.55 -1.45 4.41
C SER A 18 -0.11 -2.78 3.80
N LEU A 19 -0.52 -3.90 4.35
CA LEU A 19 -0.07 -5.23 4.02
C LEU A 19 -1.13 -6.18 3.45
N LEU A 20 -2.39 -6.11 3.85
CA LEU A 20 -3.36 -7.09 3.35
C LEU A 20 -3.47 -7.09 1.84
N TYR A 21 -3.45 -5.92 1.20
CA TYR A 21 -3.51 -5.87 -0.25
C TYR A 21 -2.42 -6.68 -0.96
N SER A 22 -1.17 -6.55 -0.51
CA SER A 22 -0.07 -7.33 -1.06
C SER A 22 -0.21 -8.85 -0.81
N ILE A 23 -0.83 -9.33 0.25
CA ILE A 23 -1.00 -10.76 0.45
C ILE A 23 -2.08 -11.30 -0.49
N GLY A 24 -3.23 -10.62 -0.51
CA GLY A 24 -4.37 -10.94 -1.34
C GLY A 24 -4.14 -10.86 -2.83
N ASN A 25 -3.23 -9.99 -3.29
CA ASN A 25 -2.99 -9.89 -4.71
C ASN A 25 -2.06 -10.97 -5.23
N GLY A 26 -1.49 -11.80 -4.39
CA GLY A 26 -0.62 -12.89 -4.86
C GLY A 26 0.82 -12.47 -4.99
N SER A 27 1.23 -11.27 -4.61
CA SER A 27 2.61 -10.84 -4.75
C SER A 27 3.55 -11.33 -3.64
N VAL A 28 3.02 -12.10 -2.70
CA VAL A 28 3.75 -12.61 -1.56
C VAL A 28 3.84 -14.13 -1.64
N PHE A 29 2.74 -14.86 -1.63
CA PHE A 29 2.81 -16.30 -1.68
C PHE A 29 2.71 -16.86 -3.07
N GLY A 30 2.40 -16.11 -4.09
CA GLY A 30 2.33 -16.68 -5.44
C GLY A 30 1.03 -16.30 -6.13
N LYS A 31 1.15 -15.92 -7.39
CA LYS A 31 0.04 -15.50 -8.23
C LYS A 31 -1.05 -16.54 -8.38
N ASP A 32 -0.77 -17.81 -8.21
CA ASP A 32 -1.74 -18.87 -8.32
C ASP A 32 -2.02 -19.49 -6.96
N GLN A 33 -1.45 -19.01 -5.88
CA GLN A 33 -1.68 -19.60 -4.57
C GLN A 33 -2.80 -19.02 -3.73
N PRO A 34 -3.95 -19.68 -3.63
CA PRO A 34 -5.07 -19.21 -2.83
C PRO A 34 -4.73 -19.13 -1.34
N ILE A 35 -5.32 -18.16 -0.66
CA ILE A 35 -5.10 -17.80 0.71
C ILE A 35 -6.40 -17.83 1.53
N ILE A 36 -6.36 -18.46 2.71
CA ILE A 36 -7.44 -18.34 3.67
C ILE A 36 -6.87 -17.27 4.62
N LEU A 37 -7.45 -16.07 4.59
CA LEU A 37 -6.88 -14.97 5.38
C LEU A 37 -7.55 -14.85 6.74
N VAL A 38 -6.78 -14.86 7.82
CA VAL A 38 -7.39 -14.80 9.16
C VAL A 38 -6.98 -13.50 9.77
N LEU A 39 -7.87 -12.75 10.39
CA LEU A 39 -7.63 -11.39 10.82
C LEU A 39 -7.99 -11.22 12.27
N LEU A 40 -6.97 -11.14 13.12
CA LEU A 40 -7.18 -11.00 14.55
C LEU A 40 -6.96 -9.56 15.04
N ASP A 41 -7.79 -9.15 15.97
CA ASP A 41 -7.65 -7.88 16.65
C ASP A 41 -8.52 -7.95 17.92
N ILE A 42 -8.68 -6.87 18.64
CA ILE A 42 -9.46 -6.84 19.86
C ILE A 42 -10.93 -6.56 19.61
N THR A 43 -11.83 -7.00 20.49
CA THR A 43 -13.27 -6.78 20.36
C THR A 43 -13.74 -5.44 19.81
N PRO A 44 -13.30 -4.31 20.35
CA PRO A 44 -13.73 -3.00 19.90
C PRO A 44 -13.24 -2.57 18.53
N MET A 45 -12.33 -3.29 17.91
CA MET A 45 -11.86 -3.05 16.57
C MET A 45 -12.56 -3.96 15.57
N MET A 46 -13.53 -4.78 15.93
CA MET A 46 -14.17 -5.68 14.96
C MET A 46 -14.95 -4.93 13.89
N GLY A 47 -15.54 -3.77 14.15
CA GLY A 47 -16.22 -2.98 13.17
C GLY A 47 -15.24 -2.38 12.16
N VAL A 48 -14.01 -2.06 12.59
CA VAL A 48 -13.00 -1.60 11.65
C VAL A 48 -12.67 -2.72 10.68
N LEU A 49 -12.50 -3.93 11.26
CA LEU A 49 -12.24 -5.11 10.45
C LEU A 49 -13.25 -5.25 9.32
N ASP A 50 -14.55 -5.20 9.56
CA ASP A 50 -15.60 -5.20 8.58
C ASP A 50 -15.41 -4.13 7.50
N GLY A 51 -14.88 -2.96 7.80
CA GLY A 51 -14.59 -1.95 6.76
C GLY A 51 -13.46 -2.44 5.87
N VAL A 52 -12.42 -3.02 6.48
CA VAL A 52 -11.31 -3.64 5.75
C VAL A 52 -11.84 -4.77 4.88
N LEU A 53 -12.80 -5.59 5.35
CA LEU A 53 -13.28 -6.66 4.50
C LEU A 53 -13.98 -6.12 3.25
N MET A 54 -14.81 -5.09 3.39
CA MET A 54 -15.46 -4.51 2.22
C MET A 54 -14.42 -3.95 1.26
N GLU A 55 -13.35 -3.34 1.75
CA GLU A 55 -12.30 -2.84 0.89
C GLU A 55 -11.57 -4.00 0.21
N LEU A 56 -11.37 -5.12 0.90
CA LEU A 56 -10.73 -6.25 0.18
C LEU A 56 -11.64 -6.69 -0.97
N GLN A 57 -12.95 -6.76 -0.77
CA GLN A 57 -13.87 -7.14 -1.85
C GLN A 57 -13.82 -6.12 -2.97
N ASP A 58 -13.57 -4.84 -2.64
CA ASP A 58 -13.53 -3.79 -3.64
C ASP A 58 -12.19 -3.66 -4.35
N CYS A 59 -11.22 -4.46 -3.94
CA CYS A 59 -9.91 -4.50 -4.56
C CYS A 59 -9.76 -5.60 -5.61
N ALA A 60 -10.76 -6.40 -5.90
CA ALA A 60 -10.66 -7.45 -6.93
C ALA A 60 -9.60 -8.47 -6.57
N LEU A 61 -9.72 -9.21 -5.47
CA LEU A 61 -8.67 -10.17 -5.11
C LEU A 61 -9.19 -11.60 -5.07
N PRO A 62 -9.20 -12.30 -6.20
CA PRO A 62 -9.72 -13.65 -6.30
C PRO A 62 -8.95 -14.70 -5.55
N LEU A 63 -7.66 -14.53 -5.32
CA LEU A 63 -6.85 -15.45 -4.52
C LEU A 63 -7.31 -15.52 -3.07
N LEU A 64 -8.13 -14.55 -2.61
CA LEU A 64 -8.65 -14.57 -1.25
C LEU A 64 -9.81 -15.55 -1.19
N LYS A 65 -9.53 -16.79 -0.82
CA LYS A 65 -10.57 -17.81 -0.72
C LYS A 65 -11.63 -17.45 0.33
N ASP A 66 -11.14 -16.95 1.47
CA ASP A 66 -12.02 -16.61 2.57
C ASP A 66 -11.27 -15.60 3.42
N VAL A 67 -12.00 -14.75 4.12
CA VAL A 67 -11.44 -13.75 4.99
C VAL A 67 -12.19 -13.82 6.34
N ILE A 68 -11.50 -14.32 7.37
CA ILE A 68 -12.05 -14.51 8.68
C ILE A 68 -11.63 -13.41 9.63
N ALA A 69 -12.61 -12.64 10.09
CA ALA A 69 -12.35 -11.54 11.02
C ALA A 69 -12.72 -12.03 12.42
N THR A 70 -11.80 -12.01 13.37
CA THR A 70 -12.13 -12.51 14.70
C THR A 70 -11.38 -11.81 15.82
N ASP A 71 -11.90 -11.91 17.03
CA ASP A 71 -11.25 -11.45 18.25
C ASP A 71 -11.02 -12.66 19.18
N LYS A 72 -11.08 -13.87 18.58
CA LYS A 72 -10.85 -15.07 19.39
C LYS A 72 -9.61 -15.85 18.97
N GLU A 73 -8.77 -16.15 19.96
CA GLU A 73 -7.57 -16.93 19.81
C GLU A 73 -7.80 -18.34 19.26
N GLU A 74 -8.86 -19.03 19.67
CA GLU A 74 -9.23 -20.33 19.19
C GLU A 74 -9.36 -20.39 17.66
N ILE A 75 -10.04 -19.41 17.11
CA ILE A 75 -10.30 -19.27 15.70
C ILE A 75 -9.06 -18.76 14.95
N ALA A 76 -8.50 -17.64 15.43
CA ALA A 76 -7.35 -17.00 14.84
C ALA A 76 -6.17 -17.91 14.56
N PHE A 77 -5.79 -18.74 15.52
CA PHE A 77 -4.62 -19.61 15.38
C PHE A 77 -4.86 -21.02 14.87
N LYS A 78 -6.11 -21.39 14.66
CA LYS A 78 -6.42 -22.75 14.18
C LYS A 78 -5.85 -23.10 12.82
N ASP A 79 -5.14 -24.22 12.74
CA ASP A 79 -4.60 -24.79 11.54
C ASP A 79 -3.74 -23.88 10.67
N LEU A 80 -3.09 -22.86 11.20
CA LEU A 80 -2.33 -21.96 10.33
C LEU A 80 -1.10 -22.59 9.66
N ASP A 81 -0.70 -22.01 8.55
CA ASP A 81 0.51 -22.34 7.85
C ASP A 81 1.52 -21.20 8.07
N VAL A 82 1.02 -19.98 8.25
CA VAL A 82 1.74 -18.75 8.46
C VAL A 82 1.11 -17.91 9.57
N ALA A 83 1.94 -17.34 10.45
CA ALA A 83 1.47 -16.42 11.47
C ALA A 83 2.33 -15.12 11.44
N ILE A 84 1.61 -14.02 11.10
CA ILE A 84 2.25 -12.71 11.06
C ILE A 84 1.81 -11.94 12.29
N LEU A 85 2.67 -11.90 13.31
CA LEU A 85 2.35 -11.32 14.59
C LEU A 85 2.79 -9.86 14.69
N VAL A 86 1.86 -8.98 14.40
CA VAL A 86 1.98 -7.54 14.38
C VAL A 86 1.32 -6.92 15.61
N GLY A 87 0.15 -7.41 15.96
CA GLY A 87 -0.63 -7.00 17.12
C GLY A 87 0.33 -6.70 18.27
N SER A 88 0.31 -5.39 18.60
CA SER A 88 1.19 -4.90 19.64
C SER A 88 0.98 -3.40 19.91
N MET A 89 1.43 -2.96 21.08
CA MET A 89 1.41 -1.54 21.41
C MET A 89 2.66 -0.92 20.80
N PRO A 90 2.49 0.06 19.94
CA PRO A 90 3.58 0.78 19.30
C PRO A 90 4.24 1.78 20.21
N ARG A 91 5.53 2.07 19.98
CA ARG A 91 6.16 3.06 20.88
C ARG A 91 5.84 4.44 20.31
N ARG A 92 6.16 5.50 21.02
CA ARG A 92 5.94 6.87 20.56
C ARG A 92 7.25 7.65 20.67
N ASP A 93 7.25 8.85 20.11
CA ASP A 93 8.43 9.68 20.05
C ASP A 93 9.12 9.83 21.39
N GLY A 94 10.34 9.37 21.54
CA GLY A 94 11.06 9.51 22.79
C GLY A 94 11.29 8.16 23.44
N MET A 95 10.53 7.14 23.02
CA MET A 95 10.71 5.80 23.61
C MET A 95 11.68 4.94 22.80
N GLU A 96 12.43 4.07 23.42
CA GLU A 96 13.27 3.07 22.78
C GLU A 96 12.32 1.88 22.55
N ARG A 97 12.67 0.92 21.70
CA ARG A 97 11.85 -0.28 21.58
C ARG A 97 11.72 -1.05 22.91
N LYS A 98 12.73 -1.06 23.78
CA LYS A 98 12.77 -1.68 25.07
C LYS A 98 11.59 -1.30 25.99
N ASP A 99 11.02 -0.11 26.07
CA ASP A 99 9.81 -0.01 26.93
C ASP A 99 8.81 -0.56 25.87
N LEU A 100 7.85 -1.32 26.19
CA LEU A 100 6.89 -1.97 25.34
C LEU A 100 7.12 -3.45 25.67
N LEU A 101 8.35 -3.73 26.06
CA LEU A 101 8.76 -5.09 26.47
C LEU A 101 7.78 -5.68 27.47
N LYS A 102 7.67 -5.20 28.68
CA LYS A 102 6.71 -5.72 29.66
C LYS A 102 5.27 -5.74 29.17
N ALA A 103 4.83 -4.68 28.51
CA ALA A 103 3.52 -4.55 27.93
C ALA A 103 3.24 -5.56 26.84
N ASN A 104 4.26 -5.78 26.00
CA ASN A 104 4.06 -6.64 24.83
C ASN A 104 4.48 -8.06 24.97
N VAL A 105 5.50 -8.33 25.80
CA VAL A 105 5.99 -9.69 25.98
C VAL A 105 4.86 -10.59 26.45
N LYS A 106 3.97 -10.09 27.29
CA LYS A 106 2.84 -10.89 27.75
C LYS A 106 1.96 -11.32 26.60
N ILE A 107 1.66 -10.44 25.62
CA ILE A 107 0.90 -10.83 24.45
C ILE A 107 1.56 -11.98 23.67
N PHE A 108 2.86 -11.95 23.44
CA PHE A 108 3.56 -12.98 22.67
C PHE A 108 3.70 -14.32 23.37
N LYS A 109 3.59 -14.32 24.69
CA LYS A 109 3.62 -15.55 25.45
C LYS A 109 2.30 -16.27 25.18
N CYS A 110 1.18 -15.58 25.38
CA CYS A 110 -0.11 -16.19 25.07
C CYS A 110 -0.26 -16.63 23.61
N GLN A 111 0.27 -15.83 22.69
CA GLN A 111 0.13 -16.17 21.26
C GLN A 111 1.00 -17.37 20.93
N GLY A 112 2.20 -17.42 21.52
CA GLY A 112 3.04 -18.61 21.32
C GLY A 112 2.29 -19.85 21.86
N ALA A 113 1.62 -19.74 22.98
CA ALA A 113 0.83 -20.77 23.60
C ALA A 113 -0.37 -21.17 22.71
N ALA A 114 -0.94 -20.19 22.02
CA ALA A 114 -2.06 -20.40 21.10
C ALA A 114 -1.58 -21.10 19.83
N LEU A 115 -0.42 -20.74 19.30
CA LEU A 115 0.15 -21.44 18.14
C LEU A 115 0.34 -22.91 18.49
N ASP A 116 1.11 -23.24 19.52
CA ASP A 116 1.39 -24.51 20.09
C ASP A 116 0.15 -25.39 20.28
N LYS A 117 -0.96 -24.79 20.70
CA LYS A 117 -2.21 -25.47 20.87
C LYS A 117 -2.99 -25.68 19.56
N TYR A 118 -3.19 -24.59 18.80
CA TYR A 118 -4.03 -24.70 17.61
C TYR A 118 -3.39 -24.72 16.26
N ALA A 119 -2.21 -24.17 16.01
CA ALA A 119 -1.68 -24.15 14.64
C ALA A 119 -0.99 -25.44 14.24
N LYS A 120 -0.79 -25.58 12.92
CA LYS A 120 -0.06 -26.76 12.47
C LYS A 120 1.35 -26.70 13.06
N LYS A 121 2.07 -27.82 13.10
CA LYS A 121 3.43 -27.80 13.61
C LYS A 121 4.38 -27.16 12.59
N SER A 122 3.98 -27.14 11.32
CA SER A 122 4.75 -26.57 10.25
C SER A 122 4.58 -25.06 10.10
N VAL A 123 3.77 -24.37 10.88
CA VAL A 123 3.56 -22.96 10.79
C VAL A 123 4.85 -22.16 10.64
N LYS A 124 4.85 -21.11 9.83
CA LYS A 124 6.03 -20.22 9.83
C LYS A 124 5.54 -19.02 10.65
N VAL A 125 6.27 -18.57 11.66
CA VAL A 125 5.80 -17.51 12.53
C VAL A 125 6.68 -16.28 12.37
N ILE A 126 6.08 -15.15 11.98
CA ILE A 126 6.89 -13.95 11.73
C ILE A 126 6.52 -12.89 12.76
N VAL A 127 7.49 -12.57 13.60
CA VAL A 127 7.24 -11.60 14.66
C VAL A 127 7.74 -10.21 14.31
N VAL A 128 6.81 -9.28 14.22
CA VAL A 128 7.08 -7.88 13.95
C VAL A 128 6.92 -6.98 15.18
N GLY A 129 5.87 -7.07 15.96
CA GLY A 129 5.69 -6.20 17.15
C GLY A 129 6.90 -6.12 18.06
N ASN A 130 7.12 -4.94 18.61
CA ASN A 130 8.28 -4.65 19.43
C ASN A 130 8.34 -5.21 20.81
N PRO A 131 9.51 -5.22 21.44
CA PRO A 131 10.76 -5.74 20.96
C PRO A 131 10.68 -7.05 20.19
N ALA A 132 10.89 -7.00 18.87
CA ALA A 132 10.72 -8.17 18.03
C ALA A 132 11.54 -9.37 18.49
N ASN A 133 12.85 -9.20 18.68
CA ASN A 133 13.65 -10.38 19.06
C ASN A 133 13.16 -11.01 20.35
N THR A 134 13.08 -10.25 21.42
CA THR A 134 12.60 -10.81 22.70
C THR A 134 11.19 -11.36 22.62
N ASN A 135 10.31 -10.66 21.90
CA ASN A 135 8.94 -11.12 21.67
C ASN A 135 8.97 -12.46 20.96
N CYS A 136 9.78 -12.52 19.92
CA CYS A 136 10.12 -13.66 19.12
C CYS A 136 10.50 -14.82 20.07
N LEU A 137 11.56 -14.67 20.84
CA LEU A 137 12.08 -15.64 21.77
C LEU A 137 11.05 -16.14 22.78
N THR A 138 10.30 -15.24 23.39
CA THR A 138 9.24 -15.63 24.32
C THR A 138 8.16 -16.46 23.66
N ALA A 139 7.73 -16.09 22.43
CA ALA A 139 6.63 -16.82 21.80
C ALA A 139 7.09 -18.23 21.43
N SER A 140 8.34 -18.27 20.97
CA SER A 140 8.96 -19.53 20.58
C SER A 140 8.99 -20.48 21.77
N LYS A 141 9.39 -20.02 22.95
CA LYS A 141 9.50 -20.88 24.11
C LYS A 141 8.19 -21.29 24.76
N SER A 142 7.07 -20.74 24.34
CA SER A 142 5.73 -21.10 24.77
C SER A 142 5.09 -21.98 23.68
N ALA A 143 5.95 -22.43 22.74
CA ALA A 143 5.53 -23.36 21.69
C ALA A 143 6.60 -24.44 21.49
N PRO A 144 6.76 -25.26 22.54
CA PRO A 144 7.71 -26.37 22.52
C PRO A 144 7.37 -27.42 21.49
N SER A 145 6.13 -27.61 21.07
CA SER A 145 5.81 -28.58 20.03
C SER A 145 6.02 -28.08 18.61
N ILE A 146 6.51 -26.87 18.39
CA ILE A 146 6.77 -26.26 17.09
C ILE A 146 8.27 -26.03 17.00
N PRO A 147 8.92 -26.54 15.98
CA PRO A 147 10.36 -26.42 15.85
C PRO A 147 10.82 -24.98 16.03
N LYS A 148 11.88 -24.75 16.79
CA LYS A 148 12.47 -23.45 17.04
C LYS A 148 12.72 -22.64 15.76
N GLU A 149 13.16 -23.36 14.73
CA GLU A 149 13.46 -22.87 13.42
C GLU A 149 12.31 -22.17 12.73
N ASN A 150 11.06 -22.48 12.98
CA ASN A 150 9.92 -21.83 12.38
C ASN A 150 9.58 -20.43 12.91
N PHE A 151 10.32 -19.99 13.93
CA PHE A 151 10.17 -18.70 14.54
C PHE A 151 11.16 -17.67 14.02
N SER A 152 10.64 -16.56 13.45
CA SER A 152 11.59 -15.57 12.94
C SER A 152 11.10 -14.18 13.30
N CYS A 153 11.95 -13.19 13.42
CA CYS A 153 11.49 -11.85 13.62
C CYS A 153 12.13 -10.97 12.54
N LEU A 154 11.45 -9.84 12.34
CA LEU A 154 11.79 -8.92 11.28
C LEU A 154 12.91 -7.94 11.47
N THR A 155 14.02 -8.12 10.76
CA THR A 155 15.09 -7.17 10.64
C THR A 155 15.20 -6.76 9.16
N ARG A 156 14.28 -7.25 8.31
CA ARG A 156 14.24 -6.96 6.89
C ARG A 156 14.02 -5.48 6.60
N LEU A 157 13.27 -4.82 7.49
CA LEU A 157 13.09 -3.38 7.33
C LEU A 157 14.41 -2.67 7.52
N ASP A 158 15.20 -3.06 8.51
CA ASP A 158 16.52 -2.48 8.75
C ASP A 158 17.43 -2.83 7.56
N HIS A 159 17.30 -4.05 7.04
CA HIS A 159 18.09 -4.48 5.88
C HIS A 159 17.84 -3.57 4.70
N ASN A 160 16.53 -3.39 4.39
CA ASN A 160 16.09 -2.54 3.29
C ASN A 160 16.54 -1.12 3.51
N ARG A 161 16.43 -0.66 4.75
CA ARG A 161 16.89 0.69 5.07
C ARG A 161 18.38 0.87 4.80
N ALA A 162 19.16 -0.13 5.12
CA ALA A 162 20.62 -0.06 4.90
C ALA A 162 20.91 0.00 3.39
N LYS A 163 20.23 -0.82 2.58
CA LYS A 163 20.41 -0.77 1.14
C LYS A 163 20.06 0.61 0.63
N ALA A 164 18.88 1.13 1.01
CA ALA A 164 18.51 2.45 0.52
C ALA A 164 19.56 3.51 0.89
N GLN A 165 20.24 3.45 2.01
CA GLN A 165 21.25 4.47 2.29
C GLN A 165 22.45 4.23 1.37
N ILE A 166 22.83 2.99 1.05
CA ILE A 166 23.94 2.77 0.15
C ILE A 166 23.65 3.29 -1.26
N ALA A 167 22.54 2.87 -1.85
CA ALA A 167 22.08 3.36 -3.15
C ALA A 167 22.06 4.88 -3.27
N LEU A 168 21.56 5.56 -2.21
CA LEU A 168 21.52 7.00 -2.19
C LEU A 168 22.91 7.65 -2.13
N LYS A 169 23.82 6.97 -1.43
CA LYS A 169 25.17 7.49 -1.29
C LYS A 169 25.88 7.44 -2.63
N LEU A 170 25.83 6.29 -3.30
CA LEU A 170 26.44 6.05 -4.58
C LEU A 170 25.62 6.45 -5.79
N GLY A 171 24.40 6.93 -5.58
CA GLY A 171 23.50 7.32 -6.67
C GLY A 171 23.18 6.11 -7.52
N VAL A 172 22.97 4.98 -6.85
CA VAL A 172 22.71 3.71 -7.54
C VAL A 172 21.27 3.34 -7.21
N THR A 173 20.83 2.20 -7.72
CA THR A 173 19.51 1.59 -7.51
C THR A 173 19.54 0.76 -6.24
N SER A 174 18.40 0.51 -5.62
CA SER A 174 18.36 -0.36 -4.44
C SER A 174 18.79 -1.78 -4.79
N ASP A 175 18.32 -2.32 -5.92
CA ASP A 175 18.69 -3.66 -6.36
C ASP A 175 20.17 -3.78 -6.78
N ASP A 176 20.92 -2.69 -6.99
CA ASP A 176 22.33 -2.80 -7.36
C ASP A 176 23.20 -3.06 -6.12
N VAL A 177 22.63 -2.87 -4.93
CA VAL A 177 23.28 -3.06 -3.66
C VAL A 177 22.85 -4.46 -3.22
N LYS A 178 23.70 -5.24 -2.60
CA LYS A 178 23.32 -6.58 -2.17
C LYS A 178 24.28 -7.06 -1.08
N ASN A 179 23.78 -7.97 -0.26
CA ASN A 179 24.56 -8.56 0.81
C ASN A 179 24.98 -7.59 1.90
N VAL A 180 24.10 -6.64 2.26
CA VAL A 180 24.29 -5.81 3.43
C VAL A 180 23.75 -6.74 4.52
N ILE A 181 24.23 -6.63 5.75
CA ILE A 181 23.80 -7.54 6.80
C ILE A 181 23.31 -6.69 7.98
N ILE A 182 22.28 -7.18 8.65
CA ILE A 182 21.80 -6.50 9.85
C ILE A 182 22.03 -7.55 10.96
N TRP A 183 22.98 -7.22 11.84
CA TRP A 183 23.34 -8.20 12.86
C TRP A 183 22.65 -7.83 14.17
N GLY A 184 22.29 -8.81 14.95
CA GLY A 184 21.75 -8.68 16.26
C GLY A 184 20.31 -8.28 16.48
N ASN A 185 20.12 -7.26 17.34
CA ASN A 185 18.80 -6.84 17.73
C ASN A 185 18.08 -5.89 16.80
N HIS A 186 16.77 -5.98 16.65
CA HIS A 186 15.99 -5.00 15.91
C HIS A 186 15.83 -3.80 16.83
N SER A 187 16.88 -3.02 17.03
CA SER A 187 16.87 -1.91 17.97
C SER A 187 17.96 -0.92 17.56
N SER A 188 18.18 0.13 18.34
CA SER A 188 19.28 1.02 18.04
C SER A 188 20.68 0.46 18.26
N THR A 189 20.95 -0.79 18.59
CA THR A 189 22.30 -1.31 18.67
C THR A 189 22.56 -2.26 17.49
N GLN A 190 21.56 -2.34 16.59
CA GLN A 190 21.71 -3.17 15.41
C GLN A 190 23.02 -2.83 14.69
N TYR A 191 23.68 -3.86 14.17
CA TYR A 191 24.87 -3.64 13.37
C TYR A 191 24.58 -3.84 11.89
N PRO A 192 24.47 -2.74 11.16
CA PRO A 192 24.29 -2.71 9.72
C PRO A 192 25.66 -2.84 9.06
N ASP A 193 26.04 -4.07 8.80
CA ASP A 193 27.35 -4.43 8.30
C ASP A 193 27.49 -4.49 6.79
N VAL A 194 28.26 -3.55 6.24
CA VAL A 194 28.54 -3.60 4.81
C VAL A 194 29.92 -4.13 4.46
N ASN A 195 30.51 -5.05 5.24
CA ASN A 195 31.85 -5.55 4.93
C ASN A 195 31.86 -6.55 3.76
N HIS A 196 30.76 -7.29 3.68
CA HIS A 196 30.52 -8.31 2.68
C HIS A 196 29.43 -7.88 1.69
N ALA A 197 29.23 -6.55 1.57
CA ALA A 197 28.20 -6.08 0.64
C ALA A 197 28.82 -5.76 -0.73
N LYS A 198 27.96 -5.94 -1.75
CA LYS A 198 28.37 -5.71 -3.13
C LYS A 198 27.53 -4.63 -3.81
N VAL A 199 28.15 -3.76 -4.60
CA VAL A 199 27.45 -2.74 -5.33
C VAL A 199 27.87 -2.82 -6.83
N LYS A 200 26.89 -2.70 -7.71
CA LYS A 200 27.08 -2.77 -9.13
C LYS A 200 27.42 -1.38 -9.68
N LEU A 201 28.69 -1.11 -9.96
CA LEU A 201 29.04 0.16 -10.56
C LEU A 201 29.06 -0.14 -12.07
N GLN A 202 29.12 0.88 -12.91
CA GLN A 202 29.07 0.67 -14.35
C GLN A 202 30.23 -0.14 -14.91
N ALA A 203 31.42 -0.04 -14.34
CA ALA A 203 32.59 -0.73 -14.88
C ALA A 203 32.76 -2.13 -14.31
N LYS A 204 32.21 -2.37 -13.13
CA LYS A 204 32.42 -3.64 -12.43
C LYS A 204 31.71 -3.63 -11.09
N GLU A 205 31.45 -4.81 -10.54
CA GLU A 205 30.82 -4.94 -9.22
C GLU A 205 31.88 -4.88 -8.12
N VAL A 206 31.86 -3.90 -7.25
CA VAL A 206 32.84 -3.76 -6.17
C VAL A 206 32.20 -3.79 -4.79
N GLY A 207 33.06 -3.90 -3.80
CA GLY A 207 32.68 -3.95 -2.39
C GLY A 207 32.10 -2.58 -2.08
N VAL A 208 31.22 -2.53 -1.09
CA VAL A 208 30.66 -1.25 -0.69
C VAL A 208 31.77 -0.32 -0.19
N TYR A 209 32.66 -0.78 0.68
CA TYR A 209 33.74 0.13 1.13
C TYR A 209 34.55 0.70 -0.04
N GLU A 210 34.94 -0.17 -0.97
CA GLU A 210 35.67 0.29 -2.14
C GLU A 210 34.87 1.32 -2.93
N ALA A 211 33.55 1.15 -3.10
CA ALA A 211 32.85 2.09 -3.96
C ALA A 211 32.56 3.41 -3.28
N VAL A 212 32.31 3.40 -1.98
CA VAL A 212 32.01 4.60 -1.22
C VAL A 212 33.25 5.42 -0.94
N LYS A 213 34.35 4.72 -0.62
CA LYS A 213 35.59 5.44 -0.29
C LYS A 213 35.29 6.49 0.78
N ASP A 214 34.75 6.07 1.91
CA ASP A 214 34.48 6.87 3.09
C ASP A 214 34.20 5.91 4.24
N ASP A 215 35.29 5.46 4.89
CA ASP A 215 35.20 4.52 6.00
C ASP A 215 34.51 5.12 7.21
N SER A 216 34.84 6.35 7.51
CA SER A 216 34.20 7.08 8.59
C SER A 216 32.69 7.06 8.37
N TRP A 217 32.20 7.54 7.23
CA TRP A 217 30.76 7.51 6.96
C TRP A 217 30.22 6.12 7.20
N LEU A 218 30.73 5.08 6.56
CA LEU A 218 30.21 3.73 6.74
C LEU A 218 30.19 3.24 8.19
N LYS A 219 31.16 3.68 8.99
CA LYS A 219 31.25 3.32 10.40
C LYS A 219 30.69 4.41 11.30
N GLY A 220 30.23 5.53 10.73
CA GLY A 220 29.68 6.63 11.49
C GLY A 220 28.24 7.01 11.18
N GLU A 221 28.05 7.99 10.30
CA GLU A 221 26.74 8.47 9.91
C GLU A 221 25.89 7.32 9.37
N PHE A 222 26.42 6.45 8.53
CA PHE A 222 25.67 5.32 7.98
C PHE A 222 25.11 4.44 9.08
N ILE A 223 25.88 4.13 10.11
CA ILE A 223 25.40 3.26 11.19
C ILE A 223 24.27 3.94 11.97
N THR A 224 24.46 5.18 12.40
CA THR A 224 23.48 5.93 13.14
C THR A 224 22.19 6.15 12.35
N THR A 225 22.31 6.45 11.06
CA THR A 225 21.12 6.66 10.25
C THR A 225 20.21 5.43 10.32
N VAL A 226 20.77 4.27 9.99
CA VAL A 226 19.97 3.05 10.00
C VAL A 226 19.43 2.73 11.38
N GLN A 227 20.24 2.83 12.42
CA GLN A 227 19.82 2.57 13.78
C GLN A 227 18.71 3.49 14.25
N GLN A 228 18.76 4.78 13.97
CA GLN A 228 17.78 5.73 14.46
C GLN A 228 16.59 5.86 13.51
N ARG A 229 16.67 5.21 12.36
CA ARG A 229 15.68 5.30 11.32
C ARG A 229 14.25 5.14 11.86
N GLY A 230 13.98 4.11 12.63
CA GLY A 230 12.62 3.92 13.12
C GLY A 230 12.15 5.09 13.96
N ALA A 231 13.01 5.58 14.85
CA ALA A 231 12.77 6.74 15.68
C ALA A 231 12.61 8.01 14.86
N ALA A 232 13.33 8.18 13.77
CA ALA A 232 13.19 9.35 12.91
C ALA A 232 11.85 9.36 12.18
N VAL A 233 11.36 8.19 11.78
CA VAL A 233 10.09 8.12 11.04
C VAL A 233 8.95 8.55 11.96
N ILE A 234 8.95 8.07 13.19
CA ILE A 234 7.97 8.31 14.23
C ILE A 234 7.99 9.79 14.61
N LYS A 235 9.19 10.36 14.65
CA LYS A 235 9.39 11.74 14.99
C LYS A 235 8.75 12.64 13.95
N ALA A 236 8.88 12.27 12.69
CA ALA A 236 8.30 12.99 11.56
C ALA A 236 6.82 12.71 11.42
N ARG A 237 6.48 11.42 11.20
CA ARG A 237 5.10 11.03 11.01
C ARG A 237 4.25 11.14 12.27
N LYS A 238 4.75 10.84 13.46
CA LYS A 238 3.96 10.87 14.67
C LYS A 238 3.19 9.55 14.81
N LEU A 239 3.56 8.60 14.00
CA LEU A 239 3.08 7.26 13.79
C LEU A 239 4.31 6.42 13.40
N SER A 240 4.27 5.18 13.77
CA SER A 240 5.31 4.21 13.49
C SER A 240 5.33 3.99 11.97
N SER A 241 6.38 3.38 11.47
CA SER A 241 6.47 3.17 10.01
C SER A 241 5.41 2.12 9.73
N ALA A 242 4.84 2.01 8.56
CA ALA A 242 3.81 1.01 8.28
C ALA A 242 3.93 0.57 6.83
N MET A 243 4.02 1.57 5.95
CA MET A 243 4.19 1.31 4.52
C MET A 243 5.46 0.54 4.26
N SER A 244 6.56 1.01 4.87
CA SER A 244 7.88 0.41 4.74
C SER A 244 8.01 -0.86 5.57
N ALA A 245 7.23 -0.95 6.63
CA ALA A 245 7.22 -2.12 7.51
C ALA A 245 6.52 -3.30 6.83
N ALA A 246 5.33 -3.04 6.30
CA ALA A 246 4.56 -3.99 5.51
C ALA A 246 5.29 -4.60 4.30
N LYS A 247 6.02 -3.79 3.56
CA LYS A 247 6.79 -4.14 2.39
C LYS A 247 7.94 -5.05 2.77
N ALA A 248 8.62 -4.74 3.90
CA ALA A 248 9.70 -5.60 4.37
C ALA A 248 9.17 -6.93 4.85
N ILE A 249 7.94 -6.99 5.37
CA ILE A 249 7.28 -8.22 5.80
C ILE A 249 6.98 -9.06 4.56
N CYS A 250 6.50 -8.34 3.53
CA CYS A 250 6.29 -9.03 2.24
C CYS A 250 7.62 -9.61 1.77
N ASP A 251 8.72 -8.87 1.81
CA ASP A 251 9.99 -9.40 1.33
C ASP A 251 10.49 -10.53 2.18
N HIS A 252 10.36 -10.43 3.49
CA HIS A 252 10.77 -11.48 4.42
C HIS A 252 9.99 -12.77 4.18
N VAL A 253 8.66 -12.71 4.09
CA VAL A 253 7.85 -13.93 3.95
C VAL A 253 8.02 -14.52 2.56
N ARG A 254 8.18 -13.73 1.51
CA ARG A 254 8.43 -14.19 0.17
C ARG A 254 9.78 -14.93 0.09
N ASP A 255 10.80 -14.39 0.77
CA ASP A 255 12.11 -15.05 0.72
C ASP A 255 12.01 -16.36 1.47
N ILE A 256 11.16 -16.40 2.52
CA ILE A 256 10.97 -17.68 3.18
C ILE A 256 10.28 -18.64 2.22
N TRP A 257 9.16 -18.15 1.64
CA TRP A 257 8.37 -19.02 0.76
C TRP A 257 9.05 -19.42 -0.53
N PHE A 258 9.84 -18.56 -1.14
CA PHE A 258 10.49 -18.82 -2.42
C PHE A 258 12.00 -18.96 -2.40
N GLY A 259 12.70 -18.67 -1.33
CA GLY A 259 14.14 -18.81 -1.26
C GLY A 259 14.87 -17.55 -1.70
N THR A 260 16.16 -17.47 -1.35
CA THR A 260 16.97 -16.35 -1.72
C THR A 260 17.67 -16.66 -3.04
N PRO A 261 17.97 -15.65 -3.83
CA PRO A 261 18.60 -15.78 -5.13
C PRO A 261 20.08 -16.12 -5.06
N GLU A 262 20.60 -16.75 -6.12
CA GLU A 262 21.97 -17.18 -6.22
C GLU A 262 22.96 -16.08 -5.85
N GLY A 263 23.91 -16.40 -4.98
CA GLY A 263 24.88 -15.46 -4.47
C GLY A 263 24.31 -14.37 -3.58
N GLU A 264 23.25 -14.64 -2.82
CA GLU A 264 22.66 -13.59 -2.00
C GLU A 264 22.06 -14.09 -0.70
N PHE A 265 22.29 -13.31 0.35
CA PHE A 265 21.73 -13.67 1.67
C PHE A 265 20.93 -12.48 2.17
N VAL A 266 19.99 -12.74 3.08
CA VAL A 266 19.13 -11.67 3.60
C VAL A 266 19.17 -11.71 5.13
N SER A 267 18.83 -10.59 5.76
CA SER A 267 18.91 -10.51 7.21
C SER A 267 17.70 -11.11 7.88
N MET A 268 17.92 -11.90 8.90
CA MET A 268 16.72 -12.51 9.53
C MET A 268 16.97 -12.80 11.00
N GLY A 269 16.03 -12.39 11.87
CA GLY A 269 16.25 -12.70 13.30
C GLY A 269 15.81 -14.15 13.45
N ILE A 270 16.65 -15.04 13.93
CA ILE A 270 16.37 -16.45 14.12
C ILE A 270 17.07 -16.94 15.40
N ILE A 271 16.82 -18.13 15.84
CA ILE A 271 17.45 -18.66 17.06
C ILE A 271 18.95 -18.82 16.81
N SER A 272 19.80 -18.51 17.75
CA SER A 272 21.24 -18.54 17.59
C SER A 272 21.97 -19.83 17.94
N ASP A 273 21.27 -20.87 18.27
CA ASP A 273 21.81 -22.17 18.60
C ASP A 273 22.75 -22.72 17.55
N GLY A 274 24.04 -22.83 17.89
CA GLY A 274 25.04 -23.39 16.97
C GLY A 274 25.79 -22.39 16.12
N ASN A 275 25.44 -21.10 16.15
CA ASN A 275 26.18 -20.15 15.29
C ASN A 275 27.68 -20.32 15.45
N SER A 276 28.43 -19.92 14.45
CA SER A 276 29.87 -19.92 14.42
C SER A 276 30.46 -18.52 14.49
N TYR A 277 29.65 -17.53 14.90
CA TYR A 277 30.18 -16.17 14.91
C TYR A 277 30.53 -15.64 16.27
N GLY A 278 30.63 -16.49 17.30
CA GLY A 278 30.97 -16.01 18.63
C GLY A 278 29.79 -15.33 19.33
N VAL A 279 28.56 -15.76 19.06
CA VAL A 279 27.35 -15.19 19.64
C VAL A 279 26.73 -16.27 20.53
N PRO A 280 26.42 -15.91 21.77
CA PRO A 280 25.82 -16.83 22.69
C PRO A 280 24.68 -17.59 22.04
N ASP A 281 24.42 -18.80 22.52
CA ASP A 281 23.29 -19.59 22.04
C ASP A 281 22.05 -19.08 22.76
N ASP A 282 20.87 -19.58 22.47
CA ASP A 282 19.65 -19.22 23.19
C ASP A 282 19.21 -17.78 23.08
N LEU A 283 19.59 -17.10 22.01
CA LEU A 283 19.21 -15.73 21.73
C LEU A 283 18.46 -15.70 20.40
N LEU A 284 17.64 -14.65 20.25
CA LEU A 284 16.97 -14.45 18.97
C LEU A 284 17.65 -13.22 18.38
N TYR A 285 18.68 -13.59 17.61
CA TYR A 285 19.66 -12.69 17.01
C TYR A 285 19.52 -12.64 15.51
N SER A 286 19.69 -11.46 14.92
CA SER A 286 19.59 -11.38 13.46
C SER A 286 20.91 -11.75 12.77
N PHE A 287 20.87 -12.70 11.83
CA PHE A 287 21.98 -13.21 11.08
C PHE A 287 21.72 -13.12 9.56
N PRO A 288 22.83 -13.14 8.81
CA PRO A 288 22.76 -13.21 7.35
C PRO A 288 22.49 -14.67 7.03
N VAL A 289 21.42 -15.03 6.39
CA VAL A 289 21.06 -16.39 6.06
C VAL A 289 20.67 -16.54 4.58
N THR A 290 20.67 -17.79 4.12
CA THR A 290 20.26 -18.17 2.78
C THR A 290 19.08 -19.13 3.06
N ILE A 291 18.04 -19.06 2.24
CA ILE A 291 16.85 -19.87 2.43
C ILE A 291 16.64 -20.77 1.21
N LYS A 292 16.11 -21.96 1.45
CA LYS A 292 15.90 -22.94 0.40
C LYS A 292 14.88 -23.93 0.91
N ASP A 293 13.80 -24.14 0.14
CA ASP A 293 12.74 -25.05 0.61
C ASP A 293 12.15 -24.59 1.93
N LYS A 294 12.09 -23.27 2.14
CA LYS A 294 11.51 -22.63 3.31
C LYS A 294 12.38 -22.74 4.55
N THR A 295 13.59 -23.28 4.43
CA THR A 295 14.47 -23.53 5.54
C THR A 295 15.63 -22.58 5.45
N TRP A 296 15.92 -21.90 6.55
CA TRP A 296 17.03 -20.96 6.50
C TRP A 296 18.32 -21.61 6.95
N LYS A 297 19.45 -21.06 6.51
CA LYS A 297 20.77 -21.51 6.95
C LYS A 297 21.70 -20.32 7.07
N ILE A 298 22.32 -20.08 8.22
CA ILE A 298 23.26 -18.96 8.34
C ILE A 298 24.46 -19.09 7.41
N VAL A 299 24.89 -18.01 6.76
CA VAL A 299 26.04 -17.98 5.91
C VAL A 299 27.33 -18.06 6.76
N GLU A 300 28.21 -19.01 6.42
CA GLU A 300 29.45 -19.16 7.20
C GLU A 300 30.70 -18.74 6.46
N GLY A 301 31.74 -18.37 7.23
CA GLY A 301 33.02 -18.02 6.63
C GLY A 301 33.22 -16.53 6.44
N LEU A 302 32.25 -15.72 6.86
CA LEU A 302 32.38 -14.28 6.72
C LEU A 302 33.46 -13.78 7.67
N PRO A 303 34.46 -13.12 7.08
CA PRO A 303 35.55 -12.56 7.87
C PRO A 303 35.04 -11.34 8.62
N ILE A 304 35.21 -11.42 9.93
CA ILE A 304 34.85 -10.45 10.93
C ILE A 304 36.04 -9.64 11.42
N ASN A 305 36.14 -8.36 11.09
CA ASN A 305 37.19 -7.49 11.58
C ASN A 305 36.93 -7.11 13.05
N ASP A 306 37.82 -6.28 13.58
CA ASP A 306 37.76 -5.93 14.99
C ASP A 306 36.50 -5.09 15.28
N PHE A 307 36.35 -4.07 14.45
CA PHE A 307 35.24 -3.16 14.44
C PHE A 307 33.92 -3.90 14.37
N SER A 308 33.81 -4.95 13.57
CA SER A 308 32.59 -5.74 13.49
C SER A 308 32.47 -6.65 14.69
N ARG A 309 33.53 -7.18 15.26
CA ARG A 309 33.49 -8.01 16.46
C ARG A 309 32.74 -7.25 17.55
N GLU A 310 33.32 -6.10 17.88
CA GLU A 310 32.66 -5.19 18.84
C GLU A 310 31.45 -4.69 18.06
N LYS A 311 30.29 -4.41 18.55
CA LYS A 311 29.12 -4.08 17.72
C LYS A 311 28.31 -5.39 17.79
N MET A 312 28.86 -6.45 17.18
CA MET A 312 28.18 -7.74 17.25
C MET A 312 28.05 -8.16 18.70
N ASP A 313 29.09 -7.99 19.51
CA ASP A 313 29.01 -8.33 20.93
C ASP A 313 28.13 -7.37 21.72
N LEU A 314 28.06 -6.11 21.31
CA LEU A 314 27.21 -5.15 22.02
C LEU A 314 25.72 -5.40 21.80
N THR A 315 25.31 -5.83 20.59
CA THR A 315 23.90 -6.17 20.40
C THR A 315 23.54 -7.45 21.18
N ALA A 316 24.42 -8.44 21.17
CA ALA A 316 24.15 -9.68 21.92
C ALA A 316 23.96 -9.37 23.41
N LYS A 317 24.86 -8.58 23.98
CA LYS A 317 24.81 -8.14 25.38
C LYS A 317 23.49 -7.44 25.67
N GLU A 318 23.04 -6.56 24.79
CA GLU A 318 21.77 -5.87 24.92
C GLU A 318 20.61 -6.87 24.87
N LEU A 319 20.69 -7.85 24.00
CA LEU A 319 19.66 -8.88 23.88
C LEU A 319 19.55 -9.75 25.12
N ALA A 320 20.68 -9.96 25.81
CA ALA A 320 20.71 -10.75 27.05
C ALA A 320 19.99 -9.98 28.16
N GLU A 321 20.26 -8.68 28.21
CA GLU A 321 19.54 -7.79 29.12
C GLU A 321 18.04 -7.87 28.92
N GLU A 322 17.52 -7.69 27.70
CA GLU A 322 16.09 -7.83 27.44
C GLU A 322 15.63 -9.26 27.81
N LYS A 323 16.44 -10.27 27.56
CA LYS A 323 16.04 -11.64 27.93
C LYS A 323 15.83 -11.78 29.43
N GLU A 324 16.73 -11.24 30.24
CA GLU A 324 16.66 -11.20 31.68
C GLU A 324 15.43 -10.46 32.16
N THR A 325 15.16 -9.25 31.66
CA THR A 325 13.94 -8.53 32.07
C THR A 325 12.64 -9.28 31.76
N ALA A 326 12.43 -9.68 30.51
CA ALA A 326 11.21 -10.38 30.14
C ALA A 326 11.05 -11.68 30.93
N PHE A 327 12.10 -12.46 31.14
CA PHE A 327 11.96 -13.73 31.88
C PHE A 327 11.75 -13.46 33.36
N GLU A 328 12.41 -12.48 33.99
CA GLU A 328 12.07 -12.18 35.38
C GLU A 328 10.58 -11.85 35.44
N PHE A 329 10.11 -10.89 34.66
CA PHE A 329 8.71 -10.48 34.62
C PHE A 329 7.71 -11.59 34.32
N LEU A 330 7.92 -12.44 33.31
CA LEU A 330 6.92 -13.46 33.03
C LEU A 330 6.82 -14.59 34.06
N SER A 331 7.82 -14.81 34.88
CA SER A 331 7.79 -15.88 35.87
C SER A 331 7.18 -15.34 37.16
N SER A 332 7.54 -14.11 37.51
CA SER A 332 7.07 -13.40 38.69
C SER A 332 5.57 -13.40 38.89
N ALA A 333 4.79 -13.01 37.89
CA ALA A 333 3.33 -13.02 38.02
C ALA A 333 2.86 -12.08 39.10
N SER B 1 14.72 4.31 -21.86
CA SER B 1 14.84 3.76 -20.48
C SER B 1 15.00 4.87 -19.45
N GLU B 2 14.49 6.06 -19.82
CA GLU B 2 14.56 7.23 -18.96
C GLU B 2 13.33 7.29 -18.07
N PRO B 3 13.43 8.02 -16.96
CA PRO B 3 12.37 8.14 -16.00
C PRO B 3 11.26 9.09 -16.36
N ILE B 4 10.09 8.97 -15.73
CA ILE B 4 8.97 9.87 -15.90
C ILE B 4 8.73 10.62 -14.58
N ARG B 5 8.09 11.78 -14.68
CA ARG B 5 7.90 12.65 -13.53
C ARG B 5 6.45 12.73 -13.11
N VAL B 6 6.17 12.11 -11.97
CA VAL B 6 4.82 12.00 -11.46
C VAL B 6 4.58 12.77 -10.17
N LEU B 7 3.55 13.62 -10.18
CA LEU B 7 3.13 14.31 -8.98
C LEU B 7 1.91 13.69 -8.30
N VAL B 8 1.98 13.65 -6.96
CA VAL B 8 0.86 13.22 -6.12
C VAL B 8 0.59 14.33 -5.11
N THR B 9 -0.48 15.10 -5.22
CA THR B 9 -0.79 16.15 -4.25
C THR B 9 -1.52 15.53 -3.05
N GLY B 10 -1.58 16.20 -1.93
CA GLY B 10 -2.12 15.66 -0.68
C GLY B 10 -1.32 14.44 -0.23
N ALA B 11 -0.01 14.44 -0.44
CA ALA B 11 0.91 13.36 -0.16
C ALA B 11 1.08 12.97 1.30
N ALA B 12 0.63 13.80 2.23
CA ALA B 12 0.71 13.57 3.65
C ALA B 12 -0.57 12.96 4.21
N GLY B 13 -1.50 12.38 3.44
CA GLY B 13 -2.67 11.80 4.05
C GLY B 13 -3.58 10.69 3.69
N GLN B 14 -3.59 9.46 4.20
CA GLN B 14 -4.56 8.41 3.89
C GLN B 14 -4.48 7.80 2.50
N ILE B 15 -5.10 8.40 1.49
CA ILE B 15 -5.12 7.92 0.13
C ILE B 15 -3.75 7.80 -0.49
N ALA B 16 -2.94 8.83 -0.37
CA ALA B 16 -1.56 8.82 -0.85
C ALA B 16 -0.70 7.81 -0.12
N TYR B 17 -0.95 7.63 1.18
CA TYR B 17 -0.16 6.68 1.98
C TYR B 17 -0.45 5.28 1.47
N SER B 18 -1.71 5.01 1.07
CA SER B 18 -1.99 3.69 0.50
C SER B 18 -1.55 3.54 -0.94
N LEU B 19 -1.38 4.65 -1.68
CA LEU B 19 -1.07 4.67 -3.08
C LEU B 19 0.38 4.80 -3.52
N LEU B 20 1.26 5.50 -2.82
CA LEU B 20 2.61 5.69 -3.29
C LEU B 20 3.45 4.45 -3.49
N TYR B 21 3.35 3.40 -2.68
CA TYR B 21 4.05 2.15 -2.82
C TYR B 21 3.75 1.52 -4.17
N SER B 22 2.50 1.53 -4.61
CA SER B 22 2.06 0.97 -5.89
C SER B 22 2.59 1.81 -7.05
N ILE B 23 2.83 3.12 -6.83
CA ILE B 23 3.46 3.87 -7.91
C ILE B 23 4.94 3.52 -8.06
N GLY B 24 5.67 3.46 -6.95
CA GLY B 24 7.11 3.21 -7.03
C GLY B 24 7.49 1.75 -7.13
N ASN B 25 6.51 0.87 -7.09
CA ASN B 25 6.60 -0.55 -7.23
C ASN B 25 6.78 -1.01 -8.69
N GLY B 26 6.29 -0.17 -9.58
CA GLY B 26 6.26 -0.52 -11.00
C GLY B 26 4.94 -1.16 -11.41
N SER B 27 3.92 -1.20 -10.58
CA SER B 27 2.64 -1.84 -10.92
C SER B 27 1.67 -0.95 -11.69
N VAL B 28 2.00 0.30 -11.92
CA VAL B 28 1.20 1.30 -12.59
C VAL B 28 1.77 1.63 -13.96
N PHE B 29 2.99 2.14 -14.00
CA PHE B 29 3.68 2.51 -15.24
C PHE B 29 4.55 1.43 -15.81
N GLY B 30 4.69 0.26 -15.20
CA GLY B 30 5.51 -0.80 -15.82
C GLY B 30 6.77 -1.09 -15.03
N LYS B 31 7.12 -2.37 -15.01
CA LYS B 31 8.28 -2.88 -14.30
C LYS B 31 9.62 -2.37 -14.76
N ASP B 32 9.77 -1.72 -15.91
CA ASP B 32 11.02 -1.17 -16.36
C ASP B 32 10.88 0.35 -16.49
N GLN B 33 9.81 0.91 -15.94
CA GLN B 33 9.63 2.35 -15.97
C GLN B 33 10.10 3.02 -14.68
N PRO B 34 11.23 3.70 -14.76
CA PRO B 34 11.78 4.43 -13.61
C PRO B 34 10.95 5.66 -13.36
N ILE B 35 10.69 5.96 -12.10
CA ILE B 35 9.85 7.07 -11.67
C ILE B 35 10.61 8.02 -10.73
N ILE B 36 10.26 9.28 -10.73
CA ILE B 36 10.67 10.31 -9.82
C ILE B 36 9.32 10.80 -9.25
N LEU B 37 9.05 10.47 -7.99
CA LEU B 37 7.82 10.89 -7.36
C LEU B 37 7.94 12.29 -6.74
N VAL B 38 6.96 13.12 -7.06
CA VAL B 38 6.95 14.49 -6.54
C VAL B 38 5.73 14.52 -5.63
N LEU B 39 5.99 14.83 -4.37
CA LEU B 39 5.02 14.84 -3.31
C LEU B 39 4.74 16.29 -2.89
N LEU B 40 3.47 16.68 -2.95
CA LEU B 40 3.13 18.05 -2.59
C LEU B 40 2.09 18.07 -1.49
N ASP B 41 2.34 18.91 -0.50
CA ASP B 41 1.33 19.09 0.56
C ASP B 41 1.47 20.50 1.11
N ILE B 42 0.60 20.93 2.00
CA ILE B 42 0.68 22.30 2.54
C ILE B 42 1.78 22.35 3.59
N THR B 43 2.21 23.55 3.95
CA THR B 43 3.32 23.83 4.84
C THR B 43 3.27 23.13 6.16
N PRO B 44 2.14 23.18 6.84
CA PRO B 44 2.03 22.52 8.14
C PRO B 44 2.23 21.02 8.10
N MET B 45 2.12 20.34 6.96
CA MET B 45 2.27 18.91 6.81
C MET B 45 3.62 18.43 6.29
N MET B 46 4.58 19.34 6.19
CA MET B 46 5.93 19.04 5.74
C MET B 46 6.68 18.12 6.69
N GLY B 47 6.36 18.19 7.98
CA GLY B 47 7.04 17.30 8.94
C GLY B 47 6.68 15.84 8.58
N VAL B 48 5.40 15.59 8.43
CA VAL B 48 4.79 14.32 8.11
C VAL B 48 5.17 13.85 6.72
N LEU B 49 5.25 14.83 5.80
CA LEU B 49 5.69 14.54 4.45
C LEU B 49 7.11 14.02 4.35
N ASP B 50 8.03 14.51 5.18
CA ASP B 50 9.40 14.00 5.20
C ASP B 50 9.48 12.56 5.71
N GLY B 51 8.60 12.16 6.64
CA GLY B 51 8.56 10.78 7.14
C GLY B 51 8.02 9.80 6.11
N VAL B 52 7.11 10.22 5.24
CA VAL B 52 6.56 9.42 4.15
C VAL B 52 7.68 9.24 3.14
N LEU B 53 8.48 10.28 2.93
CA LEU B 53 9.64 10.30 2.02
C LEU B 53 10.66 9.31 2.54
N MET B 54 10.86 9.32 3.86
CA MET B 54 11.80 8.34 4.46
C MET B 54 11.22 6.94 4.24
N GLU B 55 9.91 6.76 4.45
CA GLU B 55 9.35 5.42 4.24
C GLU B 55 9.54 4.91 2.82
N LEU B 56 9.26 5.77 1.85
CA LEU B 56 9.42 5.46 0.43
C LEU B 56 10.82 4.98 0.15
N GLN B 57 11.84 5.72 0.61
CA GLN B 57 13.24 5.31 0.42
C GLN B 57 13.44 3.95 1.10
N ASP B 58 12.96 3.79 2.33
CA ASP B 58 13.07 2.54 3.05
C ASP B 58 12.36 1.34 2.45
N CYS B 59 11.48 1.46 1.46
CA CYS B 59 10.90 0.32 0.77
C CYS B 59 11.93 -0.24 -0.22
N ALA B 60 13.02 0.48 -0.47
CA ALA B 60 14.06 0.03 -1.38
C ALA B 60 13.43 -0.41 -2.71
N LEU B 61 12.92 0.55 -3.47
CA LEU B 61 12.25 0.27 -4.74
C LEU B 61 13.17 0.67 -5.89
N PRO B 62 13.70 -0.31 -6.63
CA PRO B 62 14.65 -0.11 -7.69
C PRO B 62 14.22 0.91 -8.74
N LEU B 63 12.92 0.98 -9.06
CA LEU B 63 12.40 1.90 -10.04
C LEU B 63 12.25 3.30 -9.53
N LEU B 64 12.11 3.44 -8.21
CA LEU B 64 11.93 4.78 -7.62
C LEU B 64 13.28 5.47 -7.68
N LYS B 65 13.52 6.24 -8.74
CA LYS B 65 14.79 6.90 -8.95
C LYS B 65 14.98 8.07 -7.99
N ASP B 66 13.97 8.89 -7.77
CA ASP B 66 14.06 10.02 -6.85
C ASP B 66 12.72 10.31 -6.21
N VAL B 67 12.71 10.91 -5.04
CA VAL B 67 11.49 11.27 -4.35
C VAL B 67 11.70 12.71 -3.86
N ILE B 68 10.76 13.59 -4.18
CA ILE B 68 10.88 14.98 -3.80
C ILE B 68 9.69 15.39 -2.94
N ALA B 69 9.89 16.16 -1.89
CA ALA B 69 8.78 16.66 -1.05
C ALA B 69 8.81 18.18 -1.01
N THR B 70 7.73 18.85 -1.38
CA THR B 70 7.61 20.28 -1.34
C THR B 70 6.20 20.78 -0.97
N ASP B 71 6.19 22.06 -0.58
CA ASP B 71 4.92 22.75 -0.35
C ASP B 71 4.79 23.88 -1.39
N LYS B 72 5.70 23.94 -2.34
CA LYS B 72 5.73 24.92 -3.39
C LYS B 72 5.19 24.43 -4.72
N GLU B 73 4.16 25.13 -5.18
CA GLU B 73 3.48 24.89 -6.45
C GLU B 73 4.42 24.94 -7.64
N GLU B 74 5.40 25.85 -7.61
CA GLU B 74 6.43 26.00 -8.63
C GLU B 74 7.39 24.81 -8.64
N ILE B 75 7.47 24.03 -7.56
CA ILE B 75 8.35 22.87 -7.57
C ILE B 75 7.55 21.60 -7.91
N ALA B 76 6.37 21.53 -7.29
CA ALA B 76 5.51 20.36 -7.46
C ALA B 76 5.14 20.14 -8.91
N PHE B 77 4.63 21.18 -9.57
CA PHE B 77 4.20 21.12 -10.95
C PHE B 77 5.22 21.27 -12.06
N LYS B 78 6.51 21.27 -11.82
CA LYS B 78 7.50 21.44 -12.86
C LYS B 78 7.80 20.20 -13.68
N ASP B 79 7.58 20.32 -14.98
CA ASP B 79 7.90 19.29 -15.96
C ASP B 79 7.23 17.95 -15.70
N LEU B 80 6.04 17.91 -15.15
CA LEU B 80 5.34 16.68 -14.89
C LEU B 80 4.83 16.01 -16.17
N ASP B 81 5.00 14.70 -16.15
CA ASP B 81 4.48 13.81 -17.19
C ASP B 81 3.11 13.34 -16.71
N VAL B 82 2.89 13.22 -15.40
CA VAL B 82 1.65 12.82 -14.78
C VAL B 82 1.41 13.61 -13.48
N ALA B 83 0.20 14.08 -13.22
CA ALA B 83 -0.17 14.76 -11.99
C ALA B 83 -1.39 14.09 -11.33
N ILE B 84 -1.25 13.58 -10.09
CA ILE B 84 -2.43 12.98 -9.45
C ILE B 84 -2.93 13.94 -8.38
N LEU B 85 -4.13 14.51 -8.58
CA LEU B 85 -4.63 15.52 -7.65
C LEU B 85 -5.53 15.04 -6.53
N VAL B 86 -4.90 14.70 -5.40
CA VAL B 86 -5.61 14.15 -4.24
C VAL B 86 -5.87 15.19 -3.17
N GLY B 87 -4.94 16.09 -2.91
CA GLY B 87 -5.05 17.13 -1.89
C GLY B 87 -6.39 17.85 -2.00
N SER B 88 -7.00 18.21 -0.86
CA SER B 88 -8.30 18.87 -0.83
C SER B 88 -8.88 18.98 0.57
N MET B 89 -10.18 19.26 0.73
CA MET B 89 -10.80 19.32 2.05
C MET B 89 -11.73 18.14 2.32
N PRO B 90 -11.84 17.53 3.42
CA PRO B 90 -12.47 16.27 3.69
C PRO B 90 -13.98 16.17 3.84
N ARG B 91 -14.46 15.01 3.90
CA ARG B 91 -15.82 14.52 4.05
C ARG B 91 -15.95 13.59 5.26
N ARG B 92 -17.25 13.15 5.46
CA ARG B 92 -17.56 12.19 6.53
C ARG B 92 -19.05 11.88 6.56
N ASP B 93 -19.49 11.25 7.65
CA ASP B 93 -20.89 10.91 7.86
C ASP B 93 -21.80 12.14 7.71
N GLY B 94 -23.10 11.89 7.67
CA GLY B 94 -24.08 12.97 7.54
C GLY B 94 -24.25 13.32 6.07
N MET B 95 -23.81 12.44 5.34
CA MET B 95 -24.32 12.48 3.97
C MET B 95 -23.19 12.63 2.96
N GLU B 96 -23.38 13.66 2.06
CA GLU B 96 -23.16 12.96 0.80
C GLU B 96 -21.94 13.55 0.13
N ARG B 97 -21.38 13.59 -0.23
CA ARG B 97 -20.13 14.32 -0.36
C ARG B 97 -20.35 15.54 -1.25
N LYS B 98 -21.52 16.15 -1.08
CA LYS B 98 -21.94 17.31 -1.85
C LYS B 98 -21.18 18.57 -1.46
N ASP B 99 -21.59 19.19 -0.37
CA ASP B 99 -20.95 20.42 0.12
C ASP B 99 -19.46 20.20 0.35
N LEU B 100 -18.68 20.78 -0.56
CA LEU B 100 -17.22 20.73 -0.55
C LEU B 100 -16.76 21.60 -1.73
N LEU B 101 -17.70 21.75 -2.65
CA LEU B 101 -17.62 22.54 -3.85
C LEU B 101 -16.79 23.80 -3.68
N LYS B 102 -17.34 24.77 -2.97
CA LYS B 102 -16.76 26.07 -2.72
C LYS B 102 -15.53 26.09 -1.82
N ALA B 103 -15.29 25.03 -1.04
CA ALA B 103 -14.16 24.98 -0.13
C ALA B 103 -12.99 24.18 -0.73
N ASN B 104 -13.18 23.64 -1.92
CA ASN B 104 -12.14 22.85 -2.57
C ASN B 104 -11.84 23.31 -3.99
N VAL B 105 -12.99 24.62 -4.40
CA VAL B 105 -12.72 24.61 -5.85
C VAL B 105 -11.58 25.57 -6.14
N LYS B 106 -11.32 26.43 -5.14
CA LYS B 106 -10.23 27.39 -5.14
C LYS B 106 -8.88 26.70 -5.26
N ILE B 107 -8.70 25.58 -4.58
CA ILE B 107 -7.52 24.75 -4.61
C ILE B 107 -7.15 24.33 -6.04
N PHE B 108 -8.16 23.83 -6.74
CA PHE B 108 -8.04 23.32 -8.09
C PHE B 108 -7.92 24.38 -9.17
N LYS B 109 -8.40 25.57 -8.90
CA LYS B 109 -8.27 26.73 -9.76
C LYS B 109 -6.78 27.09 -9.76
N CYS B 110 -6.23 27.20 -8.55
CA CYS B 110 -4.82 27.47 -8.36
C CYS B 110 -3.95 26.40 -9.02
N GLN B 111 -4.26 25.14 -8.70
CA GLN B 111 -3.52 24.01 -9.23
C GLN B 111 -3.55 23.92 -10.75
N GLY B 112 -4.67 24.21 -11.41
CA GLY B 112 -4.66 24.19 -12.89
C GLY B 112 -3.68 25.25 -13.40
N ALA B 113 -3.78 26.44 -12.82
CA ALA B 113 -2.88 27.57 -13.07
C ALA B 113 -1.41 27.16 -13.00
N ALA B 114 -1.00 26.43 -11.95
CA ALA B 114 0.39 25.99 -11.88
C ALA B 114 0.72 24.99 -12.99
N LEU B 115 -0.19 24.04 -13.28
CA LEU B 115 0.09 23.10 -14.37
C LEU B 115 0.31 23.87 -15.66
N ASP B 116 -0.61 24.79 -15.94
CA ASP B 116 -0.55 25.69 -17.08
C ASP B 116 0.84 26.30 -17.31
N LYS B 117 1.42 26.86 -16.25
CA LYS B 117 2.71 27.52 -16.32
C LYS B 117 3.91 26.60 -16.20
N TYR B 118 3.85 25.61 -15.31
CA TYR B 118 5.00 24.74 -15.11
C TYR B 118 5.00 23.38 -15.76
N ALA B 119 3.82 22.76 -15.83
CA ALA B 119 3.74 21.39 -16.31
C ALA B 119 3.99 21.25 -17.80
N LYS B 120 4.52 20.11 -18.22
CA LYS B 120 4.67 19.79 -19.63
C LYS B 120 3.27 19.99 -20.22
N LYS B 121 3.13 20.16 -21.52
CA LYS B 121 1.84 20.42 -22.15
C LYS B 121 1.06 19.12 -22.30
N SER B 122 1.82 18.03 -22.32
CA SER B 122 1.30 16.69 -22.50
C SER B 122 0.87 16.04 -21.19
N VAL B 123 0.88 16.71 -20.05
CA VAL B 123 0.55 16.12 -18.77
C VAL B 123 -0.80 15.41 -18.77
N LYS B 124 -0.87 14.31 -18.01
CA LYS B 124 -2.17 13.67 -17.77
C LYS B 124 -2.44 13.99 -16.30
N VAL B 125 -3.64 14.50 -16.03
CA VAL B 125 -4.09 14.96 -14.74
C VAL B 125 -5.31 14.17 -14.27
N ILE B 126 -5.21 13.47 -13.15
CA ILE B 126 -6.26 12.65 -12.61
C ILE B 126 -6.75 13.38 -11.36
N VAL B 127 -8.02 13.73 -11.33
CA VAL B 127 -8.53 14.45 -10.17
C VAL B 127 -9.29 13.48 -9.27
N VAL B 128 -8.83 13.45 -8.01
CA VAL B 128 -9.45 12.54 -7.04
C VAL B 128 -10.19 13.30 -5.97
N GLY B 129 -9.57 14.32 -5.39
CA GLY B 129 -10.15 15.04 -4.27
C GLY B 129 -11.55 15.52 -4.60
N ASN B 130 -12.43 15.45 -3.61
CA ASN B 130 -13.83 15.79 -3.83
C ASN B 130 -14.14 17.26 -3.91
N PRO B 131 -15.35 17.56 -4.30
CA PRO B 131 -16.09 17.20 -5.48
C PRO B 131 -15.18 16.91 -6.67
N ALA B 132 -14.98 15.61 -6.93
CA ALA B 132 -14.09 15.19 -8.01
C ALA B 132 -14.42 15.78 -9.37
N ASN B 133 -15.67 15.67 -9.82
CA ASN B 133 -15.97 16.15 -11.17
C ASN B 133 -15.81 17.65 -11.27
N THR B 134 -16.44 18.39 -10.35
CA THR B 134 -16.35 19.85 -10.38
C THR B 134 -14.94 20.33 -10.08
N ASN B 135 -14.16 19.67 -9.22
CA ASN B 135 -12.78 20.16 -9.06
C ASN B 135 -12.02 19.98 -10.37
N CYS B 136 -12.30 18.88 -11.05
CA CYS B 136 -11.69 18.49 -12.32
C CYS B 136 -11.89 19.63 -13.31
N LEU B 137 -13.16 19.95 -13.57
CA LEU B 137 -13.57 20.98 -14.48
C LEU B 137 -12.88 22.31 -14.21
N THR B 138 -12.89 22.80 -12.98
CA THR B 138 -12.22 24.02 -12.55
C THR B 138 -10.75 23.99 -12.93
N ALA B 139 -10.02 22.88 -12.62
CA ALA B 139 -8.61 22.85 -13.01
C ALA B 139 -8.42 22.94 -14.52
N SER B 140 -9.31 22.37 -15.34
CA SER B 140 -9.07 22.43 -16.78
C SER B 140 -9.35 23.84 -17.28
N LYS B 141 -10.39 24.46 -16.71
CA LYS B 141 -10.71 25.84 -17.08
C LYS B 141 -9.61 26.85 -16.75
N SER B 142 -8.81 26.60 -15.73
CA SER B 142 -7.72 27.47 -15.33
C SER B 142 -6.40 27.03 -15.92
N ALA B 143 -6.41 26.14 -16.90
CA ALA B 143 -5.18 25.72 -17.58
C ALA B 143 -5.43 25.61 -19.08
N PRO B 144 -5.73 26.73 -19.75
CA PRO B 144 -6.09 26.79 -21.14
C PRO B 144 -5.11 26.32 -22.18
N SER B 145 -3.84 26.16 -21.89
CA SER B 145 -2.84 25.69 -22.81
C SER B 145 -2.70 24.17 -22.78
N ILE B 146 -3.15 23.52 -21.70
CA ILE B 146 -3.05 22.06 -21.66
C ILE B 146 -4.36 21.50 -22.23
N PRO B 147 -4.23 20.64 -23.22
CA PRO B 147 -5.39 20.03 -23.87
C PRO B 147 -6.45 19.57 -22.89
N LYS B 148 -7.70 19.98 -23.06
CA LYS B 148 -8.82 19.60 -22.25
C LYS B 148 -9.00 18.09 -22.09
N GLU B 149 -8.62 17.26 -23.05
CA GLU B 149 -8.69 15.82 -23.05
C GLU B 149 -7.71 15.14 -22.08
N ASN B 150 -6.71 15.90 -21.63
CA ASN B 150 -5.65 15.43 -20.77
C ASN B 150 -6.09 15.43 -19.31
N PHE B 151 -7.28 16.03 -19.07
CA PHE B 151 -7.85 16.11 -17.75
C PHE B 151 -8.93 15.04 -17.52
N SER B 152 -8.88 14.40 -16.35
CA SER B 152 -9.87 13.42 -16.03
C SER B 152 -10.00 13.25 -14.51
N CYS B 153 -11.17 12.83 -14.07
CA CYS B 153 -11.32 12.51 -12.66
C CYS B 153 -11.77 11.05 -12.50
N LEU B 154 -11.67 10.63 -11.25
CA LEU B 154 -11.88 9.26 -10.85
C LEU B 154 -13.29 8.84 -10.49
N THR B 155 -13.85 7.96 -11.29
CA THR B 155 -15.08 7.24 -11.08
C THR B 155 -14.76 5.73 -11.07
N ARG B 156 -13.46 5.40 -11.14
CA ARG B 156 -13.01 4.01 -11.19
C ARG B 156 -13.30 3.25 -9.91
N LEU B 157 -13.35 3.91 -8.76
CA LEU B 157 -13.66 3.30 -7.48
C LEU B 157 -15.13 2.90 -7.49
N ASP B 158 -16.02 3.79 -7.98
CA ASP B 158 -17.44 3.44 -8.03
C ASP B 158 -17.66 2.28 -9.01
N HIS B 159 -16.90 2.36 -10.11
CA HIS B 159 -16.90 1.34 -11.17
C HIS B 159 -16.41 0.02 -10.56
N ASN B 160 -15.28 0.04 -9.83
CA ASN B 160 -14.78 -1.19 -9.22
C ASN B 160 -15.73 -1.77 -8.18
N ARG B 161 -16.32 -0.92 -7.34
CA ARG B 161 -17.28 -1.34 -6.35
C ARG B 161 -18.50 -2.04 -6.96
N ALA B 162 -18.98 -1.54 -8.07
CA ALA B 162 -20.10 -2.02 -8.85
C ALA B 162 -19.86 -3.46 -9.33
N LYS B 163 -18.67 -3.69 -9.89
CA LYS B 163 -18.26 -5.04 -10.30
C LYS B 163 -18.29 -6.01 -9.12
N ALA B 164 -17.74 -5.57 -7.99
CA ALA B 164 -17.71 -6.42 -6.78
C ALA B 164 -19.11 -6.72 -6.32
N GLN B 165 -20.01 -5.73 -6.38
CA GLN B 165 -21.41 -6.01 -6.01
C GLN B 165 -22.06 -7.06 -6.89
N ILE B 166 -21.91 -6.99 -8.20
CA ILE B 166 -22.41 -7.96 -9.15
C ILE B 166 -21.80 -9.32 -8.86
N ALA B 167 -20.49 -9.36 -8.61
CA ALA B 167 -19.78 -10.59 -8.27
C ALA B 167 -20.35 -11.23 -6.99
N LEU B 168 -20.57 -10.42 -5.98
CA LEU B 168 -21.17 -10.84 -4.72
C LEU B 168 -22.58 -11.38 -4.88
N LYS B 169 -23.42 -10.66 -5.64
CA LYS B 169 -24.80 -11.05 -5.86
C LYS B 169 -24.87 -12.43 -6.52
N LEU B 170 -24.04 -12.59 -7.55
CA LEU B 170 -24.08 -13.84 -8.29
C LEU B 170 -23.30 -15.00 -7.68
N GLY B 171 -22.25 -14.72 -6.92
CA GLY B 171 -21.39 -15.78 -6.41
C GLY B 171 -20.23 -16.02 -7.39
N VAL B 172 -19.86 -14.98 -8.11
CA VAL B 172 -18.78 -15.05 -9.12
C VAL B 172 -17.67 -14.07 -8.74
N THR B 173 -16.61 -14.00 -9.51
CA THR B 173 -15.45 -13.12 -9.24
C THR B 173 -15.63 -11.75 -9.86
N SER B 174 -14.95 -10.75 -9.31
CA SER B 174 -15.12 -9.38 -9.75
C SER B 174 -14.61 -9.22 -11.17
N ASP B 175 -13.52 -9.92 -11.51
CA ASP B 175 -13.00 -9.84 -12.87
C ASP B 175 -13.72 -10.74 -13.87
N ASP B 176 -14.85 -11.36 -13.50
CA ASP B 176 -15.71 -12.09 -14.42
C ASP B 176 -16.75 -11.10 -14.96
N VAL B 177 -16.78 -9.91 -14.42
CA VAL B 177 -17.69 -8.86 -14.78
C VAL B 177 -17.00 -7.83 -15.68
N LYS B 178 -17.55 -7.62 -16.87
CA LYS B 178 -16.94 -6.65 -17.76
C LYS B 178 -18.00 -5.61 -18.15
N ASN B 179 -17.53 -4.42 -18.50
CA ASN B 179 -18.29 -3.37 -19.11
C ASN B 179 -19.46 -2.78 -18.35
N VAL B 180 -19.31 -2.63 -17.04
CA VAL B 180 -20.29 -1.88 -16.26
C VAL B 180 -19.87 -0.44 -16.65
N ILE B 181 -20.74 0.52 -16.40
CA ILE B 181 -20.47 1.90 -16.75
C ILE B 181 -20.92 2.80 -15.57
N ILE B 182 -20.09 3.77 -15.26
CA ILE B 182 -20.44 4.73 -14.25
C ILE B 182 -20.70 6.02 -15.05
N TRP B 183 -21.98 6.35 -15.12
CA TRP B 183 -22.43 7.54 -15.82
C TRP B 183 -22.57 8.75 -14.88
N GLY B 184 -21.91 9.85 -15.21
CA GLY B 184 -22.12 11.08 -14.50
C GLY B 184 -21.13 11.62 -13.52
N ASN B 185 -21.66 11.93 -12.35
CA ASN B 185 -20.94 12.53 -11.25
C ASN B 185 -20.48 11.50 -10.23
N HIS B 186 -19.33 11.77 -9.64
CA HIS B 186 -18.86 10.95 -8.54
C HIS B 186 -19.60 11.47 -7.30
N SER B 187 -20.80 10.97 -7.09
CA SER B 187 -21.64 11.35 -5.97
C SER B 187 -22.82 10.38 -5.94
N SER B 188 -23.79 10.72 -5.12
CA SER B 188 -24.97 9.95 -4.84
C SER B 188 -26.02 9.94 -5.94
N THR B 189 -25.86 10.75 -6.99
CA THR B 189 -26.74 10.69 -8.16
C THR B 189 -26.07 9.88 -9.27
N GLN B 190 -24.81 9.45 -9.13
CA GLN B 190 -24.13 8.66 -10.15
C GLN B 190 -25.04 7.57 -10.71
N TYR B 191 -24.89 7.16 -11.96
CA TYR B 191 -25.66 6.04 -12.50
C TYR B 191 -24.80 4.84 -12.91
N PRO B 192 -24.75 3.85 -12.03
CA PRO B 192 -24.03 2.59 -12.24
C PRO B 192 -24.92 1.69 -13.11
N ASP B 193 -24.64 1.74 -14.40
CA ASP B 193 -25.37 1.04 -15.43
C ASP B 193 -24.75 -0.30 -15.83
N VAL B 194 -25.61 -1.30 -15.88
CA VAL B 194 -25.22 -2.65 -16.24
C VAL B 194 -25.94 -3.15 -17.48
N ASN B 195 -26.64 -2.27 -18.19
CA ASN B 195 -27.35 -2.74 -19.40
C ASN B 195 -26.41 -3.25 -20.47
N HIS B 196 -25.22 -2.65 -20.54
CA HIS B 196 -24.27 -3.08 -21.57
C HIS B 196 -23.19 -3.98 -21.00
N ALA B 197 -23.29 -4.35 -19.74
CA ALA B 197 -22.31 -5.16 -19.02
C ALA B 197 -22.50 -6.64 -19.18
N LYS B 198 -21.42 -7.40 -19.12
CA LYS B 198 -21.35 -8.83 -19.24
C LYS B 198 -20.75 -9.51 -18.01
N VAL B 199 -21.18 -10.75 -17.75
CA VAL B 199 -20.67 -11.63 -16.74
C VAL B 199 -20.36 -13.05 -17.28
N LYS B 200 -19.27 -13.61 -16.78
CA LYS B 200 -18.96 -15.00 -17.12
C LYS B 200 -19.61 -15.83 -15.98
N LEU B 201 -20.72 -16.47 -16.35
CA LEU B 201 -21.51 -17.28 -15.46
C LEU B 201 -21.46 -18.71 -15.94
N GLN B 202 -20.84 -19.56 -15.11
CA GLN B 202 -20.67 -20.97 -15.40
C GLN B 202 -19.96 -21.21 -16.72
N ALA B 203 -18.89 -20.48 -16.98
CA ALA B 203 -18.09 -20.53 -18.19
C ALA B 203 -18.79 -20.03 -19.45
N LYS B 204 -19.83 -19.24 -19.33
CA LYS B 204 -20.56 -18.69 -20.48
C LYS B 204 -20.90 -17.23 -20.22
N GLU B 205 -20.51 -16.32 -21.11
CA GLU B 205 -20.82 -14.89 -21.01
C GLU B 205 -22.31 -14.67 -21.19
N VAL B 206 -23.02 -13.94 -20.33
CA VAL B 206 -24.46 -13.83 -20.54
C VAL B 206 -25.14 -12.49 -20.59
N GLY B 207 -24.86 -11.52 -19.77
CA GLY B 207 -25.65 -10.28 -19.75
C GLY B 207 -26.01 -10.13 -18.25
N VAL B 208 -25.58 -9.03 -17.59
CA VAL B 208 -25.85 -9.06 -16.15
C VAL B 208 -27.33 -8.99 -15.84
N TYR B 209 -28.14 -8.31 -16.67
CA TYR B 209 -29.58 -8.39 -16.46
C TYR B 209 -30.04 -9.84 -16.54
N GLU B 210 -29.67 -10.60 -17.54
CA GLU B 210 -29.94 -12.01 -17.74
C GLU B 210 -29.47 -12.87 -16.56
N ALA B 211 -28.26 -12.62 -16.04
CA ALA B 211 -27.68 -13.40 -14.97
C ALA B 211 -28.34 -13.16 -13.62
N VAL B 212 -28.51 -11.89 -13.29
CA VAL B 212 -29.11 -11.54 -12.00
C VAL B 212 -30.56 -11.91 -11.89
N LYS B 213 -31.38 -11.83 -12.95
CA LYS B 213 -32.80 -12.15 -12.92
C LYS B 213 -33.48 -11.45 -11.75
N ASP B 214 -33.30 -10.16 -11.60
CA ASP B 214 -33.90 -9.41 -10.50
C ASP B 214 -33.64 -7.95 -10.82
N ASP B 215 -34.48 -7.49 -11.75
CA ASP B 215 -34.38 -6.13 -12.30
C ASP B 215 -34.58 -5.05 -11.25
N SER B 216 -35.38 -5.39 -10.27
CA SER B 216 -35.72 -4.48 -9.16
C SER B 216 -34.46 -4.22 -8.35
N TRP B 217 -33.69 -5.28 -8.09
CA TRP B 217 -32.43 -5.13 -7.36
C TRP B 217 -31.44 -4.31 -8.19
N LEU B 218 -31.30 -4.57 -9.50
CA LEU B 218 -30.36 -3.78 -10.30
C LEU B 218 -30.72 -2.31 -10.36
N LYS B 219 -32.02 -2.00 -10.33
CA LYS B 219 -32.44 -0.60 -10.41
C LYS B 219 -32.65 -0.04 -9.01
N GLY B 220 -32.58 -0.87 -7.98
CA GLY B 220 -32.76 -0.38 -6.63
C GLY B 220 -31.55 -0.48 -5.71
N GLU B 221 -31.50 -1.56 -4.92
CA GLU B 221 -30.46 -1.77 -3.93
C GLU B 221 -29.04 -1.78 -4.46
N PHE B 222 -28.79 -2.40 -5.62
CA PHE B 222 -27.47 -2.35 -6.25
C PHE B 222 -27.05 -0.89 -6.40
N ILE B 223 -27.88 -0.07 -7.06
CA ILE B 223 -27.55 1.35 -7.25
C ILE B 223 -27.26 2.09 -5.95
N THR B 224 -28.17 2.01 -4.97
CA THR B 224 -27.91 2.67 -3.69
C THR B 224 -26.71 2.08 -2.97
N THR B 225 -26.58 0.74 -2.89
CA THR B 225 -25.38 0.13 -2.33
C THR B 225 -24.09 0.69 -2.92
N VAL B 226 -23.97 0.81 -4.25
CA VAL B 226 -22.76 1.36 -4.90
C VAL B 226 -22.60 2.83 -4.53
N GLN B 227 -23.66 3.61 -4.47
CA GLN B 227 -23.62 5.03 -4.13
C GLN B 227 -23.31 5.30 -2.65
N GLN B 228 -23.71 4.41 -1.76
CA GLN B 228 -23.49 4.55 -0.33
C GLN B 228 -22.27 3.76 0.16
N ARG B 229 -21.55 3.05 -0.69
CA ARG B 229 -20.42 2.26 -0.30
C ARG B 229 -19.31 3.01 0.43
N GLY B 230 -18.93 4.19 -0.05
CA GLY B 230 -17.86 4.98 0.52
C GLY B 230 -18.15 5.38 1.96
N ALA B 231 -19.36 5.85 2.23
CA ALA B 231 -19.87 6.15 3.54
C ALA B 231 -19.96 4.89 4.38
N ALA B 232 -20.28 3.71 3.84
CA ALA B 232 -20.25 2.52 4.70
C ALA B 232 -18.85 2.11 5.14
N VAL B 233 -17.83 2.24 4.32
CA VAL B 233 -16.46 1.89 4.67
C VAL B 233 -15.95 2.88 5.72
N ILE B 234 -16.17 4.18 5.45
CA ILE B 234 -15.79 5.24 6.37
C ILE B 234 -16.48 5.15 7.72
N LYS B 235 -17.74 4.76 7.80
CA LYS B 235 -18.36 4.60 9.12
C LYS B 235 -17.85 3.34 9.79
N ALA B 236 -17.48 2.30 9.04
CA ALA B 236 -16.91 1.10 9.65
C ALA B 236 -15.45 1.30 10.04
N ARG B 237 -14.69 1.99 9.20
CA ARG B 237 -13.26 2.17 9.49
C ARG B 237 -12.95 3.43 10.28
N LYS B 238 -13.72 4.49 10.13
CA LYS B 238 -13.57 5.79 10.77
C LYS B 238 -12.45 6.58 10.11
N LEU B 239 -12.00 6.04 8.99
CA LEU B 239 -10.92 6.54 8.16
C LEU B 239 -11.35 6.41 6.71
N SER B 240 -10.68 7.08 5.79
CA SER B 240 -11.06 6.96 4.37
C SER B 240 -10.90 5.53 3.85
N SER B 241 -11.51 5.29 2.72
CA SER B 241 -11.43 4.06 1.93
C SER B 241 -10.18 4.06 1.08
N ALA B 242 -9.01 4.26 1.63
CA ALA B 242 -7.74 4.42 0.95
C ALA B 242 -7.18 3.24 0.19
N MET B 243 -7.24 2.03 0.73
CA MET B 243 -6.74 0.84 0.09
C MET B 243 -7.50 0.57 -1.22
N SER B 244 -8.82 0.78 -1.22
CA SER B 244 -9.61 0.48 -2.42
C SER B 244 -9.50 1.63 -3.41
N ALA B 245 -9.30 2.85 -2.92
CA ALA B 245 -9.15 4.04 -3.71
C ALA B 245 -7.80 4.04 -4.39
N ALA B 246 -6.80 3.56 -3.65
CA ALA B 246 -5.45 3.47 -4.19
C ALA B 246 -5.43 2.52 -5.38
N LYS B 247 -6.18 1.41 -5.24
CA LYS B 247 -6.31 0.43 -6.30
C LYS B 247 -7.08 0.95 -7.51
N ALA B 248 -8.17 1.68 -7.34
CA ALA B 248 -8.92 2.26 -8.43
C ALA B 248 -8.11 3.36 -9.14
N ILE B 249 -7.28 4.11 -8.44
CA ILE B 249 -6.45 5.15 -9.05
C ILE B 249 -5.40 4.47 -9.90
N CYS B 250 -4.82 3.36 -9.41
CA CYS B 250 -3.85 2.62 -10.21
C CYS B 250 -4.59 2.09 -11.43
N ASP B 251 -5.78 1.47 -11.29
CA ASP B 251 -6.52 0.99 -12.45
C ASP B 251 -6.66 2.07 -13.52
N HIS B 252 -7.19 3.24 -13.13
CA HIS B 252 -7.45 4.39 -13.97
C HIS B 252 -6.24 4.94 -14.74
N VAL B 253 -5.15 5.12 -14.01
CA VAL B 253 -3.90 5.59 -14.56
C VAL B 253 -3.24 4.50 -15.39
N ARG B 254 -3.25 3.23 -15.00
CA ARG B 254 -2.67 2.18 -15.85
C ARG B 254 -3.43 2.06 -17.19
N ASP B 255 -4.77 2.11 -17.09
CA ASP B 255 -5.56 2.01 -18.33
C ASP B 255 -5.24 3.23 -19.21
N ILE B 256 -5.07 4.44 -18.63
CA ILE B 256 -4.69 5.58 -19.45
C ILE B 256 -3.33 5.30 -20.12
N TRP B 257 -2.37 4.97 -19.28
CA TRP B 257 -1.02 4.69 -19.75
C TRP B 257 -0.90 3.58 -20.77
N PHE B 258 -1.53 2.42 -20.57
CA PHE B 258 -1.36 1.27 -21.47
C PHE B 258 -2.62 0.92 -22.28
N GLY B 259 -3.76 1.55 -22.02
CA GLY B 259 -4.98 1.27 -22.77
C GLY B 259 -5.80 0.11 -22.19
N THR B 260 -7.06 0.15 -22.55
CA THR B 260 -8.10 -0.78 -22.19
C THR B 260 -7.93 -2.08 -22.92
N PRO B 261 -8.26 -3.18 -22.26
CA PRO B 261 -8.24 -4.49 -22.87
C PRO B 261 -9.20 -4.58 -24.05
N GLU B 262 -8.86 -5.43 -25.01
CA GLU B 262 -9.73 -5.61 -26.18
C GLU B 262 -11.14 -6.01 -25.76
N GLY B 263 -12.17 -5.34 -26.25
CA GLY B 263 -13.56 -5.62 -26.00
C GLY B 263 -14.13 -4.91 -24.79
N GLU B 264 -13.30 -4.21 -24.05
CA GLU B 264 -13.61 -3.55 -22.82
C GLU B 264 -13.52 -2.04 -22.77
N PHE B 265 -14.53 -1.47 -22.07
CA PHE B 265 -14.47 -0.04 -21.84
C PHE B 265 -14.49 0.15 -20.31
N VAL B 266 -13.94 1.24 -19.82
CA VAL B 266 -13.87 1.63 -18.45
C VAL B 266 -14.50 3.01 -18.23
N SER B 267 -14.81 3.27 -16.96
CA SER B 267 -15.48 4.50 -16.58
C SER B 267 -14.43 5.50 -16.10
N MET B 268 -14.68 6.74 -16.56
CA MET B 268 -13.79 7.83 -16.15
C MET B 268 -14.38 9.19 -16.47
N GLY B 269 -14.38 10.10 -15.49
CA GLY B 269 -14.92 11.46 -15.75
C GLY B 269 -14.04 12.20 -16.78
N ILE B 270 -14.68 12.75 -17.80
CA ILE B 270 -13.94 13.50 -18.85
C ILE B 270 -14.77 14.67 -19.35
N ILE B 271 -14.18 15.43 -20.28
CA ILE B 271 -14.88 16.60 -20.83
C ILE B 271 -15.96 16.12 -21.78
N SER B 272 -17.19 16.58 -21.59
CA SER B 272 -18.35 16.14 -22.34
C SER B 272 -18.58 16.68 -23.74
N ASP B 273 -17.90 17.71 -24.16
CA ASP B 273 -18.03 18.34 -25.47
C ASP B 273 -18.21 17.37 -26.61
N GLY B 274 -19.35 17.49 -27.30
CA GLY B 274 -19.67 16.69 -28.45
C GLY B 274 -20.25 15.31 -28.23
N ASN B 275 -20.42 14.87 -26.97
CA ASN B 275 -20.98 13.54 -26.76
C ASN B 275 -22.29 13.41 -27.53
N SER B 276 -22.69 12.18 -27.80
CA SER B 276 -23.96 11.87 -28.44
C SER B 276 -24.90 11.17 -27.48
N TYR B 277 -24.83 11.54 -26.19
CA TYR B 277 -25.68 10.89 -25.21
C TYR B 277 -26.66 11.85 -24.57
N GLY B 278 -26.89 12.99 -25.20
CA GLY B 278 -27.82 13.98 -24.67
C GLY B 278 -27.34 14.67 -23.41
N VAL B 279 -26.05 14.73 -23.13
CA VAL B 279 -25.51 15.40 -21.95
C VAL B 279 -24.90 16.74 -22.37
N PRO B 280 -25.22 17.80 -21.65
CA PRO B 280 -24.72 19.13 -21.89
C PRO B 280 -23.22 19.15 -22.12
N ASP B 281 -22.83 20.03 -23.05
CA ASP B 281 -21.44 20.24 -23.40
C ASP B 281 -20.75 21.01 -22.27
N ASP B 282 -19.43 20.99 -22.27
CA ASP B 282 -18.64 21.68 -21.25
C ASP B 282 -18.96 21.23 -19.84
N LEU B 283 -19.02 19.91 -19.66
CA LEU B 283 -19.25 19.31 -18.36
C LEU B 283 -18.18 18.22 -18.19
N LEU B 284 -17.88 17.93 -16.93
CA LEU B 284 -16.90 16.91 -16.60
C LEU B 284 -17.70 15.78 -15.97
N TYR B 285 -18.07 14.84 -16.83
CA TYR B 285 -19.02 13.78 -16.59
C TYR B 285 -18.41 12.43 -16.92
N SER B 286 -18.84 11.40 -16.19
CA SER B 286 -18.25 10.08 -16.43
C SER B 286 -18.99 9.35 -17.54
N PHE B 287 -18.24 8.76 -18.46
CA PHE B 287 -18.72 8.04 -19.62
C PHE B 287 -17.87 6.78 -19.75
N PRO B 288 -18.33 5.78 -20.50
CA PRO B 288 -17.57 4.62 -20.86
C PRO B 288 -16.59 4.96 -21.97
N VAL B 289 -15.30 4.64 -21.88
CA VAL B 289 -14.38 4.99 -22.94
C VAL B 289 -13.48 3.80 -23.27
N THR B 290 -12.85 3.84 -24.44
CA THR B 290 -11.85 2.83 -24.82
C THR B 290 -10.60 3.72 -24.88
N ILE B 291 -9.43 3.16 -24.58
CA ILE B 291 -8.24 3.99 -24.52
C ILE B 291 -7.17 3.30 -25.37
N LYS B 292 -6.49 4.10 -26.18
CA LYS B 292 -5.45 3.62 -27.08
C LYS B 292 -4.43 4.74 -27.25
N ASP B 293 -3.17 4.40 -27.12
CA ASP B 293 -2.06 5.36 -27.17
C ASP B 293 -2.25 6.54 -26.23
N LYS B 294 -2.75 6.29 -25.01
CA LYS B 294 -2.98 7.28 -23.97
C LYS B 294 -4.06 8.31 -24.29
N THR B 295 -4.93 7.99 -25.23
CA THR B 295 -6.00 8.87 -25.70
C THR B 295 -7.38 8.22 -25.50
N TRP B 296 -8.24 8.78 -24.65
CA TRP B 296 -9.54 8.19 -24.48
C TRP B 296 -10.48 8.50 -25.65
N LYS B 297 -11.49 7.63 -25.76
CA LYS B 297 -12.52 7.80 -26.79
C LYS B 297 -13.83 7.28 -26.24
N ILE B 298 -14.83 8.12 -26.07
CA ILE B 298 -16.14 7.76 -25.56
C ILE B 298 -16.74 6.66 -26.43
N VAL B 299 -17.35 5.65 -25.83
CA VAL B 299 -17.88 4.55 -26.66
C VAL B 299 -19.21 4.99 -27.25
N GLU B 300 -19.23 5.24 -28.53
CA GLU B 300 -20.40 5.67 -29.26
C GLU B 300 -21.28 4.46 -29.63
N GLY B 301 -22.57 4.73 -29.70
CA GLY B 301 -23.54 3.82 -30.22
C GLY B 301 -24.21 2.91 -29.24
N LEU B 302 -24.13 3.23 -27.96
CA LEU B 302 -24.80 2.39 -26.97
C LEU B 302 -26.23 2.88 -26.86
N PRO B 303 -27.18 1.97 -27.06
CA PRO B 303 -28.60 2.30 -26.96
C PRO B 303 -28.95 2.70 -25.56
N ILE B 304 -29.69 3.80 -25.33
CA ILE B 304 -30.05 4.26 -23.98
C ILE B 304 -31.51 4.02 -23.66
N ASN B 305 -31.86 3.03 -22.86
CA ASN B 305 -33.29 2.82 -22.54
C ASN B 305 -33.81 3.96 -21.69
N ASP B 306 -35.10 4.06 -21.50
CA ASP B 306 -35.80 5.10 -20.75
C ASP B 306 -35.32 5.18 -19.31
N PHE B 307 -35.21 4.05 -18.60
CA PHE B 307 -34.73 4.10 -17.21
C PHE B 307 -33.37 4.79 -17.13
N SER B 308 -32.47 4.37 -18.02
CA SER B 308 -31.16 4.99 -18.13
C SER B 308 -31.19 6.47 -18.44
N ARG B 309 -32.17 6.91 -19.25
CA ARG B 309 -32.22 8.31 -19.68
C ARG B 309 -32.49 9.25 -18.53
N GLU B 310 -33.44 8.93 -17.65
CA GLU B 310 -33.66 9.72 -16.45
C GLU B 310 -32.74 9.03 -15.44
N LYS B 311 -31.59 9.61 -15.17
CA LYS B 311 -30.57 8.96 -14.34
C LYS B 311 -29.32 9.62 -14.91
N MET B 312 -29.16 9.45 -16.24
CA MET B 312 -28.07 10.15 -16.90
C MET B 312 -28.40 11.64 -16.93
N ASP B 313 -29.67 11.93 -17.18
CA ASP B 313 -30.19 13.29 -17.13
C ASP B 313 -30.17 13.86 -15.72
N LEU B 314 -30.61 13.08 -14.76
CA LEU B 314 -30.59 13.44 -13.34
C LEU B 314 -29.16 13.75 -12.87
N THR B 315 -28.15 12.95 -13.30
CA THR B 315 -26.79 13.21 -12.88
C THR B 315 -26.28 14.53 -13.47
N ALA B 316 -26.68 14.74 -14.73
CA ALA B 316 -26.36 15.94 -15.48
C ALA B 316 -26.86 17.21 -14.80
N LYS B 317 -28.10 17.17 -14.32
CA LYS B 317 -28.69 18.34 -13.66
C LYS B 317 -27.80 18.69 -12.48
N GLU B 318 -27.57 17.79 -11.54
CA GLU B 318 -26.67 17.99 -10.42
C GLU B 318 -25.33 18.64 -10.81
N LEU B 319 -24.67 18.10 -11.82
CA LEU B 319 -23.41 18.60 -12.36
C LEU B 319 -23.57 20.01 -12.94
N ALA B 320 -24.77 20.31 -13.49
CA ALA B 320 -24.97 21.65 -14.06
C ALA B 320 -24.99 22.66 -12.91
N GLU B 321 -25.71 22.37 -11.84
CA GLU B 321 -25.83 23.06 -10.61
C GLU B 321 -24.50 23.31 -9.92
N GLU B 322 -23.66 22.28 -9.82
CA GLU B 322 -22.35 22.41 -9.20
C GLU B 322 -21.50 23.35 -10.03
N LYS B 323 -21.64 23.30 -11.34
CA LYS B 323 -20.95 24.17 -12.27
C LYS B 323 -21.39 25.61 -11.95
N GLU B 324 -22.69 25.86 -11.88
CA GLU B 324 -23.15 27.21 -11.54
C GLU B 324 -22.45 27.69 -10.27
N THR B 325 -22.75 27.01 -9.16
CA THR B 325 -22.22 27.27 -7.84
C THR B 325 -20.72 27.46 -7.78
N ALA B 326 -19.94 26.63 -8.44
CA ALA B 326 -18.49 26.76 -8.39
C ALA B 326 -17.99 28.01 -9.11
N PHE B 327 -18.50 28.33 -10.27
CA PHE B 327 -18.04 29.43 -11.09
C PHE B 327 -18.41 30.84 -10.66
N GLU B 328 -19.54 30.95 -9.97
CA GLU B 328 -20.00 32.25 -9.50
C GLU B 328 -19.09 32.69 -8.35
N PHE B 329 -18.78 31.69 -7.53
CA PHE B 329 -17.86 31.87 -6.41
C PHE B 329 -16.54 32.36 -6.97
N LEU B 330 -15.79 31.51 -7.66
CA LEU B 330 -14.50 31.81 -8.25
C LEU B 330 -14.41 33.08 -9.07
N SER B 331 -15.47 33.48 -9.77
CA SER B 331 -15.49 34.67 -10.59
C SER B 331 -15.87 35.86 -9.70
N SER B 332 -16.71 35.58 -8.70
CA SER B 332 -17.07 36.61 -7.73
C SER B 332 -15.82 37.30 -7.18
N ALA B 333 -14.88 36.52 -6.64
CA ALA B 333 -13.66 37.06 -6.09
C ALA B 333 -13.83 37.49 -4.63
PA NAD C . -1.13 0.24 15.27
O1A NAD C . -1.99 1.09 14.41
O2A NAD C . -1.32 0.61 16.70
O5B NAD C . -1.53 -1.28 15.00
C5B NAD C . -1.55 -2.25 16.08
C4B NAD C . -2.79 -3.09 16.10
O4B NAD C . -2.57 -4.15 17.10
C3B NAD C . -4.12 -2.42 16.46
O3B NAD C . -5.20 -2.71 15.60
C2B NAD C . -4.44 -3.00 17.84
O2B NAD C . -5.80 -2.93 18.21
C1B NAD C . -3.87 -4.41 17.65
N9A NAD C . -3.65 -5.16 18.89
C8A NAD C . -3.19 -4.70 20.09
N7A NAD C . -3.10 -5.65 21.00
C5A NAD C . -3.51 -6.79 20.35
C6A NAD C . -3.63 -8.12 20.79
N6A NAD C . -3.33 -8.51 22.03
N1A NAD C . -4.08 -9.03 19.87
C2A NAD C . -4.38 -8.61 18.59
N3A NAD C . -4.29 -7.40 18.11
C4A NAD C . -3.86 -6.52 19.04
O3 NAD C . 0.43 0.30 14.94
PN NAD C . 1.49 -0.76 14.38
O1N NAD C . 2.69 -0.06 13.90
O2N NAD C . 0.75 -1.47 13.30
O5D NAD C . 1.75 -1.67 15.68
C5D NAD C . 2.28 -2.99 15.45
C4D NAD C . 3.64 -3.18 16.07
O4D NAD C . 4.65 -3.39 15.03
C3D NAD C . 4.17 -2.08 16.98
O3D NAD C . 4.81 -2.66 18.12
C2D NAD C . 5.24 -1.43 16.09
O2D NAD C . 6.21 -0.72 16.87
C1D NAD C . 5.81 -2.70 15.46
N1N NAD C . 6.65 -2.47 14.30
C2N NAD C . 7.73 -3.28 14.12
C3N NAD C . 8.54 -3.10 13.04
C7N NAD C . 9.81 -3.92 12.65
O7N NAD C . 10.53 -3.42 11.77
N7N NAD C . 10.04 -5.06 13.31
C4N NAD C . 8.33 -2.08 12.09
C5N NAD C . 7.21 -1.29 12.37
C6N NAD C . 6.33 -1.41 13.42
C1 MAK D . 9.41 1.05 15.09
O1 MAK D . 9.02 2.19 14.82
O2 MAK D . 9.46 0.55 16.37
C2 MAK D . 9.88 0.03 14.06
O3 MAK D . 10.26 -1.08 14.43
C3 MAK D . 9.89 0.39 12.57
O4 MAK D . 9.23 1.30 12.07
O5 MAK D . 10.74 -0.42 11.86
PA NAD E . -6.72 13.31 4.07
O1A NAD E . -6.11 12.14 4.73
O2A NAD E . -7.13 14.22 5.15
O5B NAD E . -5.67 14.01 3.11
C5B NAD E . -5.84 15.24 2.39
C4B NAD E . -4.51 15.96 2.27
O4B NAD E . -4.77 17.13 1.42
C3B NAD E . -3.86 16.48 3.57
O3B NAD E . -2.48 16.18 3.71
C2B NAD E . -4.02 18.01 3.42
O2B NAD E . -3.02 18.73 4.10
C1B NAD E . -3.83 18.11 1.90
N9A NAD E . -4.21 19.40 1.32
C8A NAD E . -5.22 20.25 1.65
N7A NAD E . -5.25 21.34 0.91
C5A NAD E . -4.21 21.19 0.03
C6A NAD E . -3.72 21.99 -1.00
N6A NAD E . -4.25 23.16 -1.33
N1A NAD E . -2.64 21.54 -1.69
C2A NAD E . -2.07 20.34 -1.33
N3A NAD E . -2.45 19.53 -0.39
C4A NAD E . -3.53 20.01 0.27
O3 NAD E . -7.88 12.85 3.07
PN NAD E . -7.81 11.57 2.08
O1N NAD E . -8.39 10.38 2.77
O2N NAD E . -6.43 11.32 1.68
O5D NAD E . -8.79 12.05 0.93
C5D NAD E . -8.28 12.76 -0.21
C4D NAD E . -9.41 13.23 -1.10
O4D NAD E . -9.86 12.12 -1.92
C3D NAD E . -10.67 13.72 -0.36
O3D NAD E . -11.14 14.81 -1.13
C2D NAD E . -11.56 12.49 -0.44
O2D NAD E . -12.91 12.80 -0.21
C1D NAD E . -11.28 12.09 -1.89
N1N NAD E . -11.73 10.75 -2.30
C2N NAD E . -12.13 10.56 -3.58
C3N NAD E . -12.52 9.32 -3.98
C7N NAD E . -13.01 8.95 -5.41
O7N NAD E . -13.31 7.78 -5.63
N7N NAD E . -13.05 10.00 -6.27
C4N NAD E . -12.54 8.18 -3.12
C5N NAD E . -12.12 8.49 -1.83
C6N NAD E . -11.72 9.70 -1.35
C1 MAK F . -15.39 7.71 -0.75
O1 MAK F . -15.48 6.71 -0.04
O2 MAK F . -15.00 8.95 -0.29
C2 MAK F . -15.67 7.72 -2.26
O3 MAK F . -15.54 8.76 -2.90
C3 MAK F . -16.10 6.45 -2.97
O4 MAK F . -16.25 5.35 -2.40
O5 MAK F . -16.30 6.64 -4.31
#